data_4ZJI
#
_entry.id   4ZJI
#
_cell.length_a   110.520
_cell.length_b   115.060
_cell.length_c   116.360
_cell.angle_alpha   90.00
_cell.angle_beta   90.00
_cell.angle_gamma   90.00
#
_symmetry.space_group_name_H-M   'P 21 21 2'
#
loop_
_entity.id
_entity.type
_entity.pdbx_description
1 polymer 'Serine/threonine-protein kinase PAK 1'
2 non-polymer 2-chloro-5-ethyl-8-fluoro-11-(4-methylpiperazin-1-yl)-dibenzodiazepine
3 non-polymer 'MAGNESIUM ION'
4 water water
#
_entity_poly.entity_id   1
_entity_poly.type   'polypeptide(L)'
_entity_poly.pdbx_seq_one_letter_code
;GPSDEEILEKLRSIVSVGDPKKKYTRFEKIGQGASGTVYTAMDVATGQEVAIKQMNLQQQPKKELIINEILVMRENKNPN
IVNYLDSYLVGDELWVVMEYLAGGSLTDVVTETCMDEGQIAAVCRECLQALEFLHSNQVIHRDIKSDNILLGMDGSVKLT
DFGFCAQITPEQSKRSTMVGTPYWMAPEVVTRKAYGPKVDIWSLGIMAIEMIEGEPPYLNENPLRALYLIATNGTPELQN
PEKLSAIFRDFLNRCLEMDVEKRGSAKELLQHQFLKIAKPLSSLTPLIAAAKEATKNNH
;
_entity_poly.pdbx_strand_id   A,B,C,D
#
# COMPACT_ATOMS: atom_id res chain seq x y z
N LEU A 8 28.02 -33.27 9.05
CA LEU A 8 27.19 -34.49 8.98
C LEU A 8 27.36 -35.35 10.23
N GLU A 9 28.61 -35.42 10.75
CA GLU A 9 28.97 -36.19 11.96
C GLU A 9 28.37 -35.57 13.20
N LYS A 10 28.33 -34.22 13.27
CA LYS A 10 27.74 -33.48 14.39
C LYS A 10 26.24 -33.71 14.45
N LEU A 11 25.55 -33.73 13.29
CA LEU A 11 24.10 -33.99 13.18
C LEU A 11 23.76 -35.39 13.72
N ARG A 12 24.59 -36.42 13.38
CA ARG A 12 24.43 -37.81 13.84
C ARG A 12 24.68 -37.92 15.34
N SER A 13 25.51 -37.01 15.91
CA SER A 13 25.81 -37.02 17.35
C SER A 13 24.68 -36.40 18.20
N ILE A 14 23.91 -35.48 17.60
CA ILE A 14 22.84 -34.74 18.28
C ILE A 14 21.50 -35.51 18.31
N VAL A 15 21.19 -36.22 17.22
CA VAL A 15 19.97 -37.03 17.01
C VAL A 15 19.91 -38.19 18.03
N SER A 16 18.70 -38.69 18.34
CA SER A 16 18.48 -39.78 19.28
C SER A 16 18.81 -41.15 18.67
N VAL A 17 19.18 -42.08 19.54
CA VAL A 17 19.55 -43.46 19.21
C VAL A 17 18.26 -44.27 19.00
N GLY A 18 18.26 -45.13 17.97
CA GLY A 18 17.14 -46.02 17.70
C GLY A 18 16.48 -45.92 16.34
N ASP A 19 15.51 -46.83 16.08
CA ASP A 19 14.72 -46.86 14.85
C ASP A 19 13.31 -46.35 15.23
N PRO A 20 12.89 -45.17 14.72
CA PRO A 20 11.55 -44.65 15.06
C PRO A 20 10.40 -45.47 14.48
N LYS A 21 10.70 -46.31 13.46
CA LYS A 21 9.72 -47.19 12.79
C LYS A 21 9.30 -48.34 13.72
N LYS A 22 10.08 -48.56 14.79
CA LYS A 22 9.84 -49.57 15.83
C LYS A 22 9.42 -48.92 17.14
N LYS A 23 9.96 -47.71 17.45
CA LYS A 23 9.66 -46.94 18.66
C LYS A 23 8.29 -46.27 18.63
N TYR A 24 7.73 -46.05 17.42
CA TYR A 24 6.41 -45.44 17.26
C TYR A 24 5.57 -46.29 16.36
N THR A 25 4.25 -46.21 16.52
CA THR A 25 3.31 -46.99 15.71
C THR A 25 2.02 -46.22 15.50
N ARG A 26 1.05 -46.81 14.76
CA ARG A 26 -0.25 -46.20 14.45
C ARG A 26 -0.07 -44.80 13.85
N PHE A 27 0.79 -44.72 12.82
CA PHE A 27 1.06 -43.48 12.08
C PHE A 27 -0.17 -43.09 11.31
N GLU A 28 -0.57 -41.81 11.40
CA GLU A 28 -1.70 -41.25 10.66
C GLU A 28 -1.26 -39.91 10.11
N LYS A 29 -1.24 -39.78 8.77
CA LYS A 29 -0.84 -38.52 8.12
C LYS A 29 -1.88 -37.45 8.39
N ILE A 30 -1.45 -36.31 8.94
CA ILE A 30 -2.38 -35.21 9.25
C ILE A 30 -2.06 -33.95 8.43
N GLY A 31 -0.93 -33.95 7.74
CA GLY A 31 -0.53 -32.82 6.92
C GLY A 31 0.65 -33.12 6.04
N GLN A 32 0.72 -32.41 4.91
CA GLN A 32 1.81 -32.55 3.95
C GLN A 32 1.95 -31.26 3.17
N GLY A 33 3.19 -30.88 2.94
CA GLY A 33 3.53 -29.71 2.16
C GLY A 33 4.86 -29.90 1.48
N ALA A 34 5.34 -28.84 0.83
CA ALA A 34 6.62 -28.82 0.14
C ALA A 34 7.79 -29.06 1.09
N SER A 35 7.67 -28.65 2.35
CA SER A 35 8.74 -28.77 3.35
C SER A 35 8.82 -30.13 4.08
N GLY A 36 7.70 -30.83 4.15
CA GLY A 36 7.64 -32.11 4.83
C GLY A 36 6.25 -32.65 5.07
N THR A 37 6.17 -33.73 5.86
CA THR A 37 4.95 -34.43 6.21
C THR A 37 4.80 -34.50 7.72
N VAL A 38 3.55 -34.36 8.19
CA VAL A 38 3.22 -34.39 9.61
C VAL A 38 2.32 -35.60 9.85
N TYR A 39 2.68 -36.37 10.87
CA TYR A 39 1.91 -37.55 11.29
C TYR A 39 1.57 -37.44 12.73
N THR A 40 0.53 -38.12 13.17
CA THR A 40 0.30 -38.36 14.58
C THR A 40 0.71 -39.82 14.73
N ALA A 41 1.27 -40.18 15.89
CA ALA A 41 1.70 -41.54 16.13
C ALA A 41 1.57 -41.86 17.63
N MET A 42 1.79 -43.13 17.97
CA MET A 42 1.71 -43.66 19.33
C MET A 42 3.12 -44.04 19.75
N ASP A 43 3.63 -43.48 20.87
CA ASP A 43 4.92 -43.89 21.43
C ASP A 43 4.67 -45.29 22.00
N VAL A 44 5.35 -46.30 21.45
CA VAL A 44 5.15 -47.70 21.86
C VAL A 44 5.44 -47.92 23.34
N ALA A 45 6.55 -47.33 23.85
CA ALA A 45 6.93 -47.53 25.26
C ALA A 45 6.06 -46.81 26.28
N THR A 46 5.64 -45.57 26.02
CA THR A 46 4.89 -44.77 27.01
C THR A 46 3.37 -44.75 26.83
N GLY A 47 2.90 -45.10 25.62
CA GLY A 47 1.48 -45.08 25.30
C GLY A 47 0.90 -43.70 25.13
N GLN A 48 1.77 -42.72 24.90
CA GLN A 48 1.39 -41.34 24.70
C GLN A 48 1.30 -41.03 23.21
N GLU A 49 0.30 -40.28 22.82
CA GLU A 49 0.14 -39.89 21.42
C GLU A 49 1.11 -38.73 21.13
N VAL A 50 1.86 -38.78 20.00
CA VAL A 50 2.85 -37.78 19.64
C VAL A 50 2.59 -37.29 18.21
N ALA A 51 3.29 -36.23 17.81
CA ALA A 51 3.25 -35.70 16.45
C ALA A 51 4.65 -35.89 15.91
N ILE A 52 4.75 -36.27 14.63
CA ILE A 52 6.03 -36.55 13.99
C ILE A 52 6.14 -35.81 12.67
N LYS A 53 7.19 -35.00 12.53
CA LYS A 53 7.50 -34.33 11.28
C LYS A 53 8.59 -35.11 10.57
N GLN A 54 8.39 -35.40 9.28
CA GLN A 54 9.41 -36.07 8.45
C GLN A 54 9.85 -35.06 7.38
N MET A 55 11.15 -34.72 7.37
CA MET A 55 11.69 -33.74 6.42
C MET A 55 12.89 -34.32 5.68
N ASN A 56 12.91 -34.16 4.34
CA ASN A 56 14.04 -34.61 3.53
C ASN A 56 15.12 -33.53 3.63
N LEU A 57 16.32 -33.89 4.09
CA LEU A 57 17.41 -32.94 4.29
C LEU A 57 18.02 -32.44 2.98
N LYS A 63 23.71 -27.74 6.43
CA LYS A 63 23.37 -28.69 7.48
C LYS A 63 23.61 -28.12 8.88
N GLU A 64 24.49 -27.09 9.00
CA GLU A 64 24.81 -26.41 10.26
C GLU A 64 23.62 -25.62 10.79
N LEU A 65 22.71 -25.18 9.87
CA LEU A 65 21.48 -24.47 10.22
C LEU A 65 20.48 -25.44 10.82
N ILE A 66 20.46 -26.70 10.32
CA ILE A 66 19.63 -27.79 10.83
C ILE A 66 20.09 -28.12 12.25
N ILE A 67 21.42 -28.15 12.48
CA ILE A 67 22.02 -28.41 13.80
C ILE A 67 21.52 -27.40 14.83
N ASN A 68 21.55 -26.10 14.49
CA ASN A 68 21.09 -25.02 15.37
C ASN A 68 19.60 -25.08 15.64
N GLU A 69 18.78 -25.37 14.61
CA GLU A 69 17.34 -25.51 14.75
C GLU A 69 17.00 -26.69 15.70
N ILE A 70 17.76 -27.80 15.64
CA ILE A 70 17.57 -28.97 16.51
C ILE A 70 17.98 -28.66 17.94
N LEU A 71 19.20 -28.10 18.11
CA LEU A 71 19.73 -27.76 19.43
C LEU A 71 18.84 -26.78 20.20
N VAL A 72 18.30 -25.73 19.54
CA VAL A 72 17.45 -24.76 20.22
C VAL A 72 16.19 -25.44 20.80
N MET A 73 15.55 -26.38 20.07
CA MET A 73 14.32 -27.01 20.60
C MET A 73 14.61 -28.15 21.59
N ARG A 74 15.76 -28.80 21.48
CA ARG A 74 16.14 -29.82 22.45
C ARG A 74 16.46 -29.21 23.84
N GLU A 75 17.08 -28.02 23.83
CA GLU A 75 17.51 -27.34 25.06
C GLU A 75 16.44 -26.42 25.67
N ASN A 76 15.37 -26.08 24.91
CA ASN A 76 14.35 -25.15 25.36
C ASN A 76 12.96 -25.71 25.28
N LYS A 77 12.27 -25.76 26.43
CA LYS A 77 10.91 -26.29 26.54
C LYS A 77 9.98 -25.27 27.13
N ASN A 78 8.70 -25.32 26.74
CA ASN A 78 7.68 -24.41 27.28
C ASN A 78 6.33 -25.11 27.27
N PRO A 79 5.50 -24.96 28.34
CA PRO A 79 4.20 -25.64 28.34
C PRO A 79 3.23 -25.29 27.19
N ASN A 80 3.36 -24.09 26.58
CA ASN A 80 2.41 -23.63 25.54
C ASN A 80 2.81 -23.91 24.10
N ILE A 81 3.79 -24.81 23.89
CA ILE A 81 4.15 -25.27 22.56
C ILE A 81 4.16 -26.79 22.64
N VAL A 82 4.09 -27.44 21.47
CA VAL A 82 4.32 -28.88 21.38
C VAL A 82 5.85 -29.00 21.45
N ASN A 83 6.37 -29.60 22.54
CA ASN A 83 7.79 -29.66 22.74
C ASN A 83 8.47 -30.74 21.96
N TYR A 84 9.75 -30.50 21.63
CA TYR A 84 10.62 -31.50 21.04
C TYR A 84 10.74 -32.66 22.03
N LEU A 85 10.62 -33.89 21.53
CA LEU A 85 10.77 -35.09 22.36
C LEU A 85 11.98 -35.91 21.90
N ASP A 86 12.16 -36.05 20.59
CA ASP A 86 13.26 -36.82 19.99
C ASP A 86 13.40 -36.46 18.55
N SER A 87 14.51 -36.90 17.93
CA SER A 87 14.79 -36.73 16.50
C SER A 87 15.63 -37.93 16.04
N TYR A 88 15.42 -38.32 14.79
CA TYR A 88 16.08 -39.47 14.19
C TYR A 88 16.45 -39.13 12.77
N LEU A 89 17.51 -39.77 12.28
CA LEU A 89 17.94 -39.64 10.91
C LEU A 89 17.72 -41.00 10.24
N VAL A 90 16.83 -41.06 9.23
CA VAL A 90 16.54 -42.30 8.48
C VAL A 90 16.91 -41.99 7.03
N GLY A 91 18.10 -42.42 6.64
CA GLY A 91 18.65 -42.11 5.33
C GLY A 91 18.84 -40.62 5.22
N ASP A 92 18.17 -39.99 4.24
CA ASP A 92 18.24 -38.55 3.97
C ASP A 92 17.09 -37.79 4.67
N GLU A 93 16.30 -38.52 5.46
CA GLU A 93 15.18 -37.91 6.15
C GLU A 93 15.45 -37.71 7.63
N LEU A 94 15.09 -36.54 8.08
CA LEU A 94 15.14 -36.18 9.48
C LEU A 94 13.71 -36.27 10.00
N TRP A 95 13.53 -36.99 11.10
CA TRP A 95 12.24 -37.14 11.75
C TRP A 95 12.32 -36.43 13.09
N VAL A 96 11.38 -35.53 13.37
CA VAL A 96 11.34 -34.80 14.64
C VAL A 96 10.06 -35.18 15.35
N VAL A 97 10.20 -35.76 16.52
CA VAL A 97 9.06 -36.19 17.34
C VAL A 97 8.76 -35.09 18.34
N MET A 98 7.48 -34.78 18.48
CA MET A 98 7.04 -33.74 19.40
C MET A 98 5.75 -34.10 20.09
N GLU A 99 5.38 -33.30 21.10
CA GLU A 99 4.12 -33.48 21.84
C GLU A 99 2.89 -33.29 20.93
N TYR A 100 1.73 -33.78 21.37
CA TYR A 100 0.48 -33.63 20.62
C TYR A 100 -0.68 -33.55 21.58
N LEU A 101 -1.72 -32.78 21.24
CA LEU A 101 -2.95 -32.68 22.04
C LEU A 101 -4.07 -33.11 21.12
N ALA A 102 -4.90 -34.05 21.56
CA ALA A 102 -5.94 -34.67 20.76
C ALA A 102 -7.38 -34.13 20.95
N GLY A 103 -7.56 -33.11 21.78
CA GLY A 103 -8.88 -32.52 22.05
C GLY A 103 -9.51 -31.89 20.82
N GLY A 104 -8.67 -31.26 20.00
CA GLY A 104 -9.06 -30.63 18.74
C GLY A 104 -8.20 -29.42 18.46
N SER A 105 -8.58 -28.63 17.45
CA SER A 105 -7.85 -27.38 17.16
C SER A 105 -8.74 -26.21 17.52
N LEU A 106 -8.15 -25.00 17.64
CA LEU A 106 -8.94 -23.80 17.86
C LEU A 106 -9.86 -23.56 16.63
N THR A 107 -9.43 -24.02 15.44
CA THR A 107 -10.28 -23.90 14.22
C THR A 107 -11.61 -24.59 14.42
N ASP A 108 -11.59 -25.84 14.94
CA ASP A 108 -12.80 -26.58 15.22
C ASP A 108 -13.72 -25.79 16.15
N VAL A 109 -13.15 -25.23 17.23
CA VAL A 109 -13.89 -24.45 18.23
C VAL A 109 -14.57 -23.20 17.63
N VAL A 110 -13.81 -22.38 16.88
CA VAL A 110 -14.35 -21.13 16.33
C VAL A 110 -15.34 -21.38 15.18
N THR A 111 -15.22 -22.50 14.47
CA THR A 111 -16.16 -22.78 13.36
C THR A 111 -17.46 -23.44 13.86
N GLU A 112 -17.40 -24.13 15.01
CA GLU A 112 -18.55 -24.87 15.53
C GLU A 112 -19.24 -24.25 16.74
N THR A 113 -18.52 -23.43 17.53
CA THR A 113 -19.07 -22.86 18.76
C THR A 113 -18.88 -21.34 18.80
N CYS A 114 -19.39 -20.71 19.86
CA CYS A 114 -19.24 -19.28 20.12
C CYS A 114 -18.52 -19.12 21.45
N MET A 115 -17.36 -18.46 21.43
CA MET A 115 -16.54 -18.20 22.62
C MET A 115 -16.92 -16.86 23.23
N ASP A 116 -16.86 -16.76 24.56
CA ASP A 116 -17.13 -15.47 25.21
C ASP A 116 -15.77 -14.78 25.42
N GLU A 117 -15.75 -13.52 25.81
CA GLU A 117 -14.50 -12.75 25.99
C GLU A 117 -13.53 -13.36 27.00
N GLY A 118 -14.05 -13.95 28.08
CA GLY A 118 -13.24 -14.63 29.10
C GLY A 118 -12.51 -15.86 28.56
N GLN A 119 -13.15 -16.58 27.63
CA GLN A 119 -12.56 -17.76 27.00
C GLN A 119 -11.54 -17.31 25.95
N ILE A 120 -11.83 -16.19 25.24
CA ILE A 120 -10.93 -15.65 24.21
C ILE A 120 -9.65 -15.15 24.93
N ALA A 121 -9.82 -14.43 26.04
CA ALA A 121 -8.71 -13.90 26.84
C ALA A 121 -7.81 -15.03 27.34
N ALA A 122 -8.41 -16.18 27.77
CA ALA A 122 -7.66 -17.38 28.22
C ALA A 122 -6.78 -17.89 27.07
N VAL A 123 -7.36 -18.07 25.87
CA VAL A 123 -6.61 -18.57 24.71
C VAL A 123 -5.49 -17.59 24.29
N CYS A 124 -5.81 -16.28 24.26
CA CYS A 124 -4.86 -15.23 23.89
C CYS A 124 -3.67 -15.23 24.82
N ARG A 125 -3.93 -15.34 26.13
CA ARG A 125 -2.86 -15.36 27.12
C ARG A 125 -1.91 -16.56 26.89
N GLU A 126 -2.48 -17.76 26.64
CA GLU A 126 -1.68 -18.98 26.41
C GLU A 126 -0.82 -18.86 25.15
N CYS A 127 -1.41 -18.34 24.07
CA CYS A 127 -0.69 -18.13 22.82
CA CYS A 127 -0.68 -18.14 22.82
C CYS A 127 0.42 -17.11 22.96
N LEU A 128 0.17 -16.02 23.70
CA LEU A 128 1.17 -14.96 23.91
C LEU A 128 2.34 -15.45 24.74
N GLN A 129 2.08 -16.37 25.69
CA GLN A 129 3.12 -17.00 26.50
C GLN A 129 4.01 -17.85 25.58
N ALA A 130 3.40 -18.58 24.60
CA ALA A 130 4.16 -19.38 23.61
C ALA A 130 5.02 -18.43 22.73
N LEU A 131 4.43 -17.31 22.31
CA LEU A 131 5.13 -16.34 21.46
C LEU A 131 6.27 -15.66 22.19
N GLU A 132 6.04 -15.27 23.44
CA GLU A 132 7.07 -14.62 24.25
C GLU A 132 8.27 -15.59 24.35
N PHE A 133 8.00 -16.88 24.60
CA PHE A 133 9.01 -17.93 24.69
C PHE A 133 9.79 -18.06 23.38
N LEU A 134 9.10 -18.23 22.24
CA LEU A 134 9.77 -18.36 20.95
C LEU A 134 10.60 -17.14 20.60
N HIS A 135 10.02 -15.93 20.76
CA HIS A 135 10.72 -14.67 20.43
C HIS A 135 11.94 -14.46 21.29
N SER A 136 11.89 -14.90 22.58
CA SER A 136 13.04 -14.77 23.51
C SER A 136 14.18 -15.72 23.04
N ASN A 137 13.86 -16.70 22.17
CA ASN A 137 14.85 -17.63 21.61
C ASN A 137 15.21 -17.28 20.18
N GLN A 138 14.88 -16.05 19.75
CA GLN A 138 15.11 -15.51 18.41
C GLN A 138 14.39 -16.30 17.31
N VAL A 139 13.26 -16.91 17.66
CA VAL A 139 12.46 -17.71 16.73
C VAL A 139 11.19 -16.92 16.40
N ILE A 140 10.88 -16.77 15.11
CA ILE A 140 9.64 -16.13 14.64
C ILE A 140 8.81 -17.27 14.06
N HIS A 141 7.52 -17.33 14.43
CA HIS A 141 6.65 -18.41 14.00
C HIS A 141 6.26 -18.26 12.53
N ARG A 142 5.73 -17.09 12.14
CA ARG A 142 5.34 -16.71 10.77
C ARG A 142 4.08 -17.39 10.25
N ASP A 143 3.43 -18.26 11.05
CA ASP A 143 2.22 -18.94 10.61
C ASP A 143 1.19 -19.09 11.75
N ILE A 144 1.06 -18.04 12.57
CA ILE A 144 0.07 -18.06 13.66
C ILE A 144 -1.34 -18.01 13.06
N LYS A 145 -2.18 -18.98 13.45
CA LYS A 145 -3.57 -19.09 13.01
C LYS A 145 -4.22 -20.17 13.89
N SER A 146 -5.57 -20.19 13.98
CA SER A 146 -6.32 -21.15 14.82
C SER A 146 -5.96 -22.63 14.52
N ASP A 147 -5.58 -22.94 13.27
CA ASP A 147 -5.22 -24.29 12.79
C ASP A 147 -3.98 -24.78 13.51
N ASN A 148 -3.13 -23.85 13.95
CA ASN A 148 -1.89 -24.17 14.68
C ASN A 148 -2.01 -24.09 16.21
N ILE A 149 -3.23 -24.04 16.73
CA ILE A 149 -3.51 -24.04 18.15
C ILE A 149 -4.18 -25.36 18.49
N LEU A 150 -3.47 -26.26 19.19
CA LEU A 150 -4.04 -27.55 19.58
C LEU A 150 -4.59 -27.43 20.99
N LEU A 151 -5.66 -28.17 21.25
CA LEU A 151 -6.33 -28.11 22.53
C LEU A 151 -6.46 -29.49 23.15
N GLY A 152 -6.21 -29.57 24.45
CA GLY A 152 -6.39 -30.79 25.22
C GLY A 152 -7.83 -30.78 25.71
N MET A 153 -8.37 -31.93 26.11
CA MET A 153 -9.75 -31.99 26.62
C MET A 153 -9.96 -31.09 27.84
N ASP A 154 -8.90 -30.89 28.65
CA ASP A 154 -8.91 -30.05 29.85
C ASP A 154 -8.77 -28.56 29.55
N GLY A 155 -8.72 -28.20 28.26
CA GLY A 155 -8.55 -26.81 27.86
C GLY A 155 -7.11 -26.33 27.74
N SER A 156 -6.14 -27.25 27.90
CA SER A 156 -4.72 -26.88 27.74
C SER A 156 -4.44 -26.48 26.30
N VAL A 157 -3.55 -25.48 26.12
CA VAL A 157 -3.27 -24.89 24.80
C VAL A 157 -1.81 -25.07 24.42
N LYS A 158 -1.56 -25.58 23.21
CA LYS A 158 -0.22 -25.72 22.65
C LYS A 158 -0.19 -25.24 21.23
N LEU A 159 0.80 -24.41 20.92
CA LEU A 159 1.08 -23.91 19.59
C LEU A 159 1.89 -24.94 18.82
N THR A 160 1.57 -25.15 17.52
CA THR A 160 2.26 -26.03 16.59
C THR A 160 2.68 -25.23 15.36
N ASP A 161 3.45 -25.83 14.48
CA ASP A 161 3.90 -25.20 13.24
C ASP A 161 3.82 -26.26 12.17
N PHE A 162 2.61 -26.77 11.94
CA PHE A 162 2.46 -27.90 11.03
C PHE A 162 2.57 -27.49 9.54
N GLY A 163 2.78 -26.19 9.28
CA GLY A 163 3.03 -25.67 7.93
C GLY A 163 4.51 -25.39 7.70
N PHE A 164 5.37 -25.71 8.69
CA PHE A 164 6.85 -25.60 8.66
C PHE A 164 7.36 -24.17 8.39
N CYS A 165 6.78 -23.18 9.06
CA CYS A 165 7.15 -21.78 8.79
C CYS A 165 8.15 -21.20 9.77
N ALA A 166 8.15 -21.71 11.01
CA ALA A 166 9.00 -21.14 12.07
C ALA A 166 10.46 -21.35 11.84
N GLN A 167 11.25 -20.36 12.24
CA GLN A 167 12.69 -20.43 12.11
C GLN A 167 13.40 -19.47 13.02
N ILE A 168 14.66 -19.77 13.31
CA ILE A 168 15.56 -18.87 14.05
C ILE A 168 15.83 -17.76 13.03
N THR A 169 15.70 -16.50 13.45
CA THR A 169 15.93 -15.32 12.61
C THR A 169 17.34 -15.38 11.96
N PRO A 170 17.44 -15.35 10.60
CA PRO A 170 18.76 -15.44 9.96
C PRO A 170 19.47 -14.09 9.89
N THR A 177 11.77 -15.18 0.73
CA THR A 177 10.55 -15.83 0.24
C THR A 177 9.34 -15.53 1.16
N MET A 178 8.13 -15.45 0.55
CA MET A 178 6.88 -15.17 1.27
C MET A 178 6.34 -16.45 1.88
N VAL A 179 6.30 -16.45 3.19
CA VAL A 179 5.92 -17.58 4.00
C VAL A 179 4.71 -17.21 4.86
N GLY A 180 3.81 -18.16 5.07
CA GLY A 180 2.64 -18.01 5.93
C GLY A 180 1.35 -18.40 5.25
N THR A 181 0.20 -17.99 5.83
CA THR A 181 -1.13 -18.28 5.30
C THR A 181 -1.71 -16.90 5.04
N PRO A 182 -2.08 -16.61 3.77
CA PRO A 182 -2.46 -15.23 3.40
C PRO A 182 -3.39 -14.45 4.34
N TYR A 183 -4.53 -14.99 4.75
CA TYR A 183 -5.49 -14.26 5.61
C TYR A 183 -4.90 -13.75 6.94
N TRP A 184 -3.88 -14.44 7.45
CA TRP A 184 -3.24 -14.06 8.73
C TRP A 184 -1.99 -13.23 8.60
N MET A 185 -1.56 -12.94 7.37
CA MET A 185 -0.29 -12.23 7.17
C MET A 185 -0.35 -10.76 7.46
N ALA A 186 0.71 -10.23 8.10
CA ALA A 186 0.88 -8.81 8.42
C ALA A 186 1.12 -8.04 7.12
N PRO A 187 0.66 -6.78 7.01
CA PRO A 187 0.88 -6.02 5.76
C PRO A 187 2.34 -5.87 5.35
N GLU A 188 3.26 -5.69 6.32
CA GLU A 188 4.68 -5.55 6.01
C GLU A 188 5.30 -6.85 5.48
N VAL A 189 4.69 -8.01 5.79
CA VAL A 189 5.10 -9.29 5.23
C VAL A 189 4.63 -9.33 3.75
N VAL A 190 3.37 -9.00 3.53
CA VAL A 190 2.76 -9.01 2.17
C VAL A 190 3.53 -8.10 1.22
N THR A 191 3.83 -6.88 1.65
CA THR A 191 4.45 -5.89 0.79
C THR A 191 5.98 -5.96 0.73
N ARG A 192 6.67 -6.27 1.84
CA ARG A 192 8.12 -6.24 1.73
C ARG A 192 8.83 -7.38 2.50
N LYS A 193 8.08 -8.45 2.85
CA LYS A 193 8.60 -9.63 3.59
C LYS A 193 9.44 -9.21 4.84
N ALA A 194 8.96 -8.18 5.57
CA ALA A 194 9.64 -7.68 6.77
C ALA A 194 9.26 -8.57 7.97
N TYR A 195 9.92 -9.73 8.06
CA TYR A 195 9.66 -10.68 9.15
C TYR A 195 10.30 -10.17 10.43
N GLY A 196 9.59 -10.39 11.50
CA GLY A 196 10.07 -9.98 12.82
C GLY A 196 9.04 -10.46 13.80
N PRO A 197 9.33 -10.40 15.09
CA PRO A 197 8.36 -10.91 16.08
C PRO A 197 6.96 -10.33 15.99
N LYS A 198 6.83 -9.06 15.57
CA LYS A 198 5.53 -8.36 15.47
C LYS A 198 4.61 -8.97 14.42
N VAL A 199 5.12 -9.77 13.48
CA VAL A 199 4.21 -10.38 12.48
C VAL A 199 3.35 -11.45 13.16
N ASP A 200 3.89 -12.10 14.23
CA ASP A 200 3.18 -13.11 15.00
C ASP A 200 2.08 -12.46 15.83
N ILE A 201 2.33 -11.24 16.31
CA ILE A 201 1.35 -10.44 17.09
C ILE A 201 0.18 -10.06 16.16
N TRP A 202 0.49 -9.59 14.94
CA TRP A 202 -0.55 -9.27 13.95
C TRP A 202 -1.41 -10.52 13.75
N SER A 203 -0.76 -11.66 13.43
CA SER A 203 -1.46 -12.92 13.20
C SER A 203 -2.30 -13.34 14.40
N LEU A 204 -1.83 -13.08 15.63
CA LEU A 204 -2.62 -13.36 16.84
C LEU A 204 -3.89 -12.48 16.87
N GLY A 205 -3.76 -11.21 16.47
CA GLY A 205 -4.89 -10.30 16.37
C GLY A 205 -5.93 -10.82 15.37
N ILE A 206 -5.45 -11.39 14.24
CA ILE A 206 -6.34 -12.01 13.23
C ILE A 206 -7.03 -13.25 13.82
N MET A 207 -6.28 -14.02 14.63
CA MET A 207 -6.84 -15.21 15.30
C MET A 207 -7.90 -14.77 16.36
N ALA A 208 -7.69 -13.63 17.04
CA ALA A 208 -8.71 -13.09 17.96
C ALA A 208 -9.98 -12.72 17.17
N ILE A 209 -9.83 -12.20 15.93
CA ILE A 209 -11.00 -11.93 15.09
C ILE A 209 -11.70 -13.28 14.74
N GLU A 210 -10.92 -14.35 14.47
CA GLU A 210 -11.53 -15.68 14.24
C GLU A 210 -12.40 -16.09 15.45
N MET A 211 -11.90 -15.87 16.67
CA MET A 211 -12.63 -16.22 17.89
C MET A 211 -13.94 -15.43 18.10
N ILE A 212 -14.00 -14.19 17.57
CA ILE A 212 -15.18 -13.31 17.64
C ILE A 212 -16.15 -13.67 16.52
N GLU A 213 -15.63 -13.74 15.28
CA GLU A 213 -16.48 -13.85 14.07
C GLU A 213 -16.53 -15.20 13.41
N GLY A 214 -15.67 -16.13 13.82
CA GLY A 214 -15.60 -17.48 13.25
C GLY A 214 -14.62 -17.60 12.09
N GLU A 215 -14.20 -16.46 11.52
CA GLU A 215 -13.32 -16.48 10.36
C GLU A 215 -12.38 -15.31 10.35
N PRO A 216 -11.21 -15.40 9.68
CA PRO A 216 -10.35 -14.20 9.56
C PRO A 216 -11.00 -13.27 8.53
N PRO A 217 -10.64 -11.99 8.48
CA PRO A 217 -11.20 -11.12 7.41
C PRO A 217 -10.88 -11.68 6.02
N TYR A 218 -11.80 -11.48 5.05
CA TYR A 218 -11.68 -11.82 3.62
C TYR A 218 -11.67 -13.32 3.30
N LEU A 219 -12.02 -14.19 4.26
CA LEU A 219 -12.03 -15.64 4.00
C LEU A 219 -12.95 -16.04 2.83
N ASN A 220 -13.96 -15.25 2.49
CA ASN A 220 -14.85 -15.52 1.34
C ASN A 220 -14.09 -15.28 0.01
N GLU A 221 -12.97 -14.55 0.04
CA GLU A 221 -12.19 -14.28 -1.18
C GLU A 221 -11.12 -15.36 -1.35
N ASN A 222 -10.56 -15.49 -2.55
CA ASN A 222 -9.46 -16.42 -2.77
C ASN A 222 -8.20 -15.90 -2.04
N PRO A 223 -7.23 -16.77 -1.70
CA PRO A 223 -6.12 -16.31 -0.85
C PRO A 223 -5.22 -15.23 -1.47
N LEU A 224 -5.05 -15.23 -2.80
CA LEU A 224 -4.22 -14.21 -3.45
C LEU A 224 -4.90 -12.84 -3.41
N ARG A 225 -6.23 -12.82 -3.60
CA ARG A 225 -7.01 -11.58 -3.54
C ARG A 225 -6.94 -11.06 -2.10
N ALA A 226 -6.93 -11.96 -1.10
CA ALA A 226 -6.80 -11.58 0.31
C ALA A 226 -5.50 -10.81 0.52
N LEU A 227 -4.39 -11.23 -0.10
CA LEU A 227 -3.12 -10.51 -0.01
C LEU A 227 -3.24 -9.03 -0.42
N TYR A 228 -3.95 -8.74 -1.54
CA TYR A 228 -4.14 -7.36 -2.02
C TYR A 228 -5.03 -6.57 -1.07
N LEU A 229 -6.02 -7.23 -0.47
CA LEU A 229 -6.92 -6.56 0.49
C LEU A 229 -6.16 -6.23 1.76
N ILE A 230 -5.29 -7.14 2.19
CA ILE A 230 -4.47 -6.86 3.40
C ILE A 230 -3.50 -5.68 3.11
N ALA A 231 -2.78 -5.76 1.97
CA ALA A 231 -1.81 -4.71 1.63
C ALA A 231 -2.44 -3.32 1.47
N THR A 232 -3.72 -3.25 1.01
CA THR A 232 -4.39 -1.98 0.77
C THR A 232 -5.17 -1.51 1.98
N ASN A 233 -5.98 -2.39 2.62
CA ASN A 233 -6.80 -1.98 3.79
C ASN A 233 -5.96 -1.74 5.04
N GLY A 234 -4.94 -2.57 5.23
CA GLY A 234 -4.09 -2.51 6.42
C GLY A 234 -4.85 -3.11 7.58
N THR A 235 -5.06 -2.35 8.66
CA THR A 235 -5.79 -2.82 9.85
C THR A 235 -7.21 -3.22 9.41
N PRO A 236 -7.64 -4.49 9.61
CA PRO A 236 -8.97 -4.90 9.16
C PRO A 236 -10.04 -4.35 10.09
N GLU A 237 -11.24 -4.25 9.59
CA GLU A 237 -12.34 -3.80 10.45
C GLU A 237 -13.21 -4.95 10.94
N LEU A 238 -13.83 -4.77 12.11
CA LEU A 238 -14.74 -5.76 12.65
C LEU A 238 -16.13 -5.53 12.12
N GLN A 239 -16.93 -6.61 12.01
CA GLN A 239 -18.32 -6.59 11.56
C GLN A 239 -19.22 -5.84 12.56
N ASN A 240 -19.07 -6.11 13.88
CA ASN A 240 -19.88 -5.52 14.94
C ASN A 240 -18.98 -5.14 16.14
N PRO A 241 -18.15 -4.06 16.02
CA PRO A 241 -17.25 -3.71 17.12
C PRO A 241 -17.94 -3.27 18.42
N GLU A 242 -19.17 -2.72 18.31
CA GLU A 242 -19.98 -2.27 19.45
C GLU A 242 -20.37 -3.40 20.42
N LYS A 243 -20.31 -4.67 19.95
CA LYS A 243 -20.62 -5.84 20.79
C LYS A 243 -19.47 -6.21 21.72
N LEU A 244 -18.28 -5.62 21.53
CA LEU A 244 -17.11 -5.94 22.34
C LEU A 244 -16.83 -4.94 23.43
N SER A 245 -16.18 -5.39 24.51
CA SER A 245 -15.80 -4.47 25.60
C SER A 245 -14.74 -3.49 25.09
N ALA A 246 -14.61 -2.32 25.73
CA ALA A 246 -13.57 -1.33 25.34
C ALA A 246 -12.16 -1.94 25.53
N ILE A 247 -12.01 -2.78 26.57
CA ILE A 247 -10.73 -3.42 26.87
C ILE A 247 -10.32 -4.42 25.76
N PHE A 248 -11.28 -5.23 25.26
CA PHE A 248 -11.01 -6.17 24.18
C PHE A 248 -10.68 -5.39 22.89
N ARG A 249 -11.43 -4.32 22.61
CA ARG A 249 -11.17 -3.48 21.43
C ARG A 249 -9.78 -2.87 21.49
N ASP A 250 -9.35 -2.43 22.68
CA ASP A 250 -8.02 -1.86 22.83
C ASP A 250 -6.95 -2.95 22.54
N PHE A 251 -7.16 -4.19 23.07
CA PHE A 251 -6.24 -5.32 22.84
C PHE A 251 -6.09 -5.59 21.36
N LEU A 252 -7.21 -5.66 20.65
CA LEU A 252 -7.20 -5.87 19.19
C LEU A 252 -6.46 -4.78 18.46
N ASN A 253 -6.68 -3.48 18.85
CA ASN A 253 -5.98 -2.34 18.23
C ASN A 253 -4.47 -2.46 18.37
N ARG A 254 -3.99 -2.85 19.57
CA ARG A 254 -2.58 -3.04 19.87
C ARG A 254 -1.96 -4.19 19.06
N CYS A 255 -2.71 -5.27 18.77
CA CYS A 255 -2.24 -6.41 17.97
C CYS A 255 -2.16 -6.00 16.49
N LEU A 256 -3.09 -5.14 16.05
CA LEU A 256 -3.25 -4.85 14.63
C LEU A 256 -2.81 -3.48 14.19
N GLU A 257 -1.90 -2.86 14.95
CA GLU A 257 -1.36 -1.55 14.60
C GLU A 257 -0.53 -1.69 13.27
N MET A 258 -0.69 -0.71 12.33
CA MET A 258 0.09 -0.71 11.06
C MET A 258 1.58 -0.47 11.34
N ASP A 259 1.85 0.39 12.28
CA ASP A 259 3.21 0.76 12.69
C ASP A 259 3.74 -0.34 13.59
N VAL A 260 4.76 -1.09 13.12
CA VAL A 260 5.42 -2.21 13.83
C VAL A 260 5.88 -1.77 15.25
N GLU A 261 6.45 -0.57 15.36
CA GLU A 261 6.92 -0.01 16.65
C GLU A 261 5.75 0.16 17.63
N LYS A 262 4.57 0.60 17.15
CA LYS A 262 3.40 0.79 18.01
C LYS A 262 2.70 -0.52 18.34
N ARG A 263 2.81 -1.52 17.44
CA ARG A 263 2.21 -2.83 17.65
C ARG A 263 2.84 -3.46 18.93
N GLY A 264 2.03 -4.04 19.80
CA GLY A 264 2.56 -4.62 21.02
C GLY A 264 3.51 -5.80 20.80
N SER A 265 4.47 -5.99 21.70
CA SER A 265 5.31 -7.19 21.66
C SER A 265 4.53 -8.23 22.49
N ALA A 266 4.93 -9.53 22.46
CA ALA A 266 4.22 -10.55 23.26
C ALA A 266 4.34 -10.24 24.75
N LYS A 267 5.54 -9.83 25.19
CA LYS A 267 5.83 -9.45 26.58
C LYS A 267 4.90 -8.28 27.02
N GLU A 268 4.75 -7.23 26.19
CA GLU A 268 3.88 -6.09 26.52
C GLU A 268 2.41 -6.51 26.56
N LEU A 269 1.94 -7.34 25.61
CA LEU A 269 0.54 -7.73 25.56
C LEU A 269 0.14 -8.67 26.68
N LEU A 270 1.11 -9.39 27.25
CA LEU A 270 0.84 -10.24 28.43
C LEU A 270 0.42 -9.40 29.65
N GLN A 271 0.70 -8.08 29.59
CA GLN A 271 0.35 -7.12 30.63
C GLN A 271 -1.02 -6.42 30.38
N HIS A 272 -1.63 -6.65 29.23
CA HIS A 272 -2.88 -6.01 28.85
C HIS A 272 -4.02 -6.39 29.78
N GLN A 273 -4.85 -5.37 30.11
CA GLN A 273 -6.02 -5.51 30.98
C GLN A 273 -7.01 -6.56 30.46
N PHE A 274 -7.09 -6.78 29.13
CA PHE A 274 -7.98 -7.79 28.55
C PHE A 274 -7.69 -9.17 29.08
N LEU A 275 -6.39 -9.51 29.25
CA LEU A 275 -6.04 -10.83 29.74
C LEU A 275 -6.42 -11.07 31.21
N LYS A 276 -6.68 -10.01 31.96
CA LYS A 276 -7.04 -10.08 33.39
C LYS A 276 -8.48 -10.60 33.58
N ILE A 277 -9.29 -10.65 32.50
CA ILE A 277 -10.64 -11.23 32.57
C ILE A 277 -10.64 -12.69 32.10
N ALA A 278 -9.44 -13.30 31.88
CA ALA A 278 -9.36 -14.68 31.46
C ALA A 278 -10.01 -15.67 32.41
N LYS A 279 -10.86 -16.53 31.85
CA LYS A 279 -11.56 -17.56 32.60
C LYS A 279 -10.60 -18.75 32.73
N PRO A 280 -10.77 -19.68 33.69
CA PRO A 280 -9.85 -20.85 33.73
C PRO A 280 -9.96 -21.65 32.42
N LEU A 281 -8.90 -22.36 32.05
CA LEU A 281 -8.88 -23.14 30.82
C LEU A 281 -9.95 -24.24 30.79
N SER A 282 -10.39 -24.71 31.98
CA SER A 282 -11.48 -25.71 32.13
C SER A 282 -12.78 -25.21 31.49
N SER A 283 -12.96 -23.87 31.39
CA SER A 283 -14.14 -23.23 30.74
C SER A 283 -14.23 -23.57 29.23
N LEU A 284 -13.12 -24.04 28.66
CA LEU A 284 -13.05 -24.38 27.23
C LEU A 284 -13.55 -25.80 26.95
N THR A 285 -13.48 -26.69 27.95
CA THR A 285 -13.85 -28.12 27.82
C THR A 285 -15.23 -28.32 27.12
N PRO A 286 -16.35 -27.63 27.50
CA PRO A 286 -17.61 -27.85 26.76
C PRO A 286 -17.55 -27.45 25.28
N LEU A 287 -16.77 -26.39 24.96
CA LEU A 287 -16.61 -25.96 23.55
C LEU A 287 -15.83 -27.02 22.77
N ILE A 288 -14.75 -27.54 23.35
CA ILE A 288 -13.88 -28.56 22.75
C ILE A 288 -14.70 -29.85 22.49
N ALA A 289 -15.53 -30.25 23.46
CA ALA A 289 -16.37 -31.45 23.35
C ALA A 289 -17.42 -31.28 22.23
N ALA A 290 -18.09 -30.10 22.17
CA ALA A 290 -19.10 -29.80 21.14
C ALA A 290 -18.49 -29.72 19.73
N ALA A 291 -17.30 -29.13 19.60
CA ALA A 291 -16.63 -28.98 18.30
C ALA A 291 -16.11 -30.32 17.78
N LYS A 292 -15.69 -31.21 18.68
CA LYS A 292 -15.18 -32.51 18.28
C LYS A 292 -16.21 -33.36 17.50
N GLU A 293 -15.80 -33.77 16.28
CA GLU A 293 -16.55 -34.69 15.42
C GLU A 293 -15.89 -36.06 15.55
N ALA A 294 -16.61 -36.99 16.17
CA ALA A 294 -16.14 -38.34 16.44
C ALA A 294 -15.82 -39.10 15.16
N THR A 295 -14.67 -39.82 15.14
CA THR A 295 -14.27 -40.69 14.02
C THR A 295 -15.33 -41.79 13.97
N LYS A 296 -15.95 -42.02 12.79
CA LYS A 296 -17.00 -43.01 12.60
C LYS A 296 -16.45 -44.43 12.47
N LEU B 8 -7.93 36.43 24.37
CA LEU B 8 -7.64 37.53 23.46
C LEU B 8 -6.76 38.60 24.12
N GLU B 9 -6.94 38.83 25.43
CA GLU B 9 -6.17 39.79 26.22
C GLU B 9 -4.72 39.32 26.39
N LYS B 10 -4.52 38.00 26.58
CA LYS B 10 -3.19 37.39 26.73
C LYS B 10 -2.41 37.51 25.42
N LEU B 11 -3.09 37.31 24.26
CA LEU B 11 -2.48 37.43 22.93
C LEU B 11 -1.98 38.86 22.68
N ARG B 12 -2.78 39.88 23.08
CA ARG B 12 -2.42 41.31 22.96
C ARG B 12 -1.25 41.66 23.89
N SER B 13 -1.09 40.93 25.02
CA SER B 13 0.00 41.15 25.97
C SER B 13 1.34 40.57 25.49
N ILE B 14 1.31 39.50 24.67
CA ILE B 14 2.49 38.81 24.15
C ILE B 14 3.07 39.48 22.90
N VAL B 15 2.19 40.05 22.07
CA VAL B 15 2.44 40.71 20.80
C VAL B 15 3.19 42.05 20.97
N SER B 16 4.10 42.39 20.03
CA SER B 16 4.90 43.63 20.06
C SER B 16 4.04 44.87 19.81
N VAL B 17 4.43 45.97 20.45
CA VAL B 17 3.72 47.25 20.36
C VAL B 17 4.13 47.97 19.05
N GLY B 18 3.16 48.56 18.36
CA GLY B 18 3.41 49.30 17.13
C GLY B 18 2.58 48.90 15.93
N ASP B 19 2.74 49.69 14.84
CA ASP B 19 2.06 49.46 13.57
C ASP B 19 3.10 48.88 12.60
N PRO B 20 2.95 47.61 12.13
CA PRO B 20 3.94 47.03 11.21
C PRO B 20 3.90 47.62 9.80
N LYS B 21 2.82 48.36 9.49
CA LYS B 21 2.62 49.05 8.20
C LYS B 21 3.53 50.27 8.10
N LYS B 22 4.07 50.73 9.25
CA LYS B 22 5.00 51.84 9.38
C LYS B 22 6.40 51.35 9.72
N LYS B 23 6.53 50.24 10.50
CA LYS B 23 7.81 49.67 10.91
C LYS B 23 8.50 48.90 9.79
N TYR B 24 7.74 48.43 8.79
CA TYR B 24 8.28 47.69 7.66
C TYR B 24 7.80 48.32 6.37
N THR B 25 8.62 48.15 5.30
CA THR B 25 8.29 48.71 3.98
C THR B 25 8.79 47.80 2.89
N ARG B 26 8.57 48.18 1.60
CA ARG B 26 9.00 47.40 0.43
C ARG B 26 8.52 45.95 0.52
N PHE B 27 7.22 45.79 0.81
CA PHE B 27 6.57 44.48 0.91
C PHE B 27 6.52 43.85 -0.47
N GLU B 28 6.92 42.57 -0.56
CA GLU B 28 6.88 41.80 -1.80
C GLU B 28 6.31 40.45 -1.47
N LYS B 29 5.14 40.14 -2.03
CA LYS B 29 4.46 38.86 -1.79
C LYS B 29 5.27 37.73 -2.41
N ILE B 30 5.66 36.74 -1.60
CA ILE B 30 6.47 35.60 -2.08
C ILE B 30 5.70 34.28 -1.98
N GLY B 31 4.54 34.30 -1.33
CA GLY B 31 3.71 33.11 -1.19
C GLY B 31 2.35 33.43 -0.63
N GLN B 32 1.36 32.61 -1.01
CA GLN B 32 -0.01 32.74 -0.52
C GLN B 32 -0.70 31.39 -0.57
N GLY B 33 -1.44 31.10 0.48
CA GLY B 33 -2.20 29.86 0.62
C GLY B 33 -3.43 30.11 1.45
N ALA B 34 -4.17 29.04 1.73
CA ALA B 34 -5.38 29.06 2.54
C ALA B 34 -5.10 29.52 3.98
N SER B 35 -3.89 29.23 4.49
CA SER B 35 -3.46 29.54 5.86
C SER B 35 -2.96 30.97 6.08
N GLY B 36 -2.43 31.59 5.02
CA GLY B 36 -1.91 32.95 5.10
C GLY B 36 -1.09 33.37 3.90
N THR B 37 -0.47 34.55 4.04
CA THR B 37 0.36 35.17 3.01
C THR B 37 1.77 35.42 3.58
N VAL B 38 2.79 35.22 2.73
CA VAL B 38 4.19 35.43 3.09
C VAL B 38 4.73 36.56 2.24
N TYR B 39 5.39 37.50 2.91
CA TYR B 39 6.02 38.63 2.23
C TYR B 39 7.47 38.70 2.64
N THR B 40 8.28 39.33 1.80
CA THR B 40 9.61 39.76 2.21
C THR B 40 9.40 41.25 2.42
N ALA B 41 10.13 41.85 3.37
CA ALA B 41 9.99 43.27 3.65
C ALA B 41 11.30 43.81 4.19
N MET B 42 11.37 45.12 4.29
CA MET B 42 12.52 45.87 4.78
C MET B 42 12.17 46.45 6.13
N ASP B 43 12.98 46.14 7.18
CA ASP B 43 12.80 46.76 8.49
C ASP B 43 13.26 48.22 8.30
N VAL B 44 12.34 49.17 8.50
CA VAL B 44 12.62 50.60 8.30
C VAL B 44 13.76 51.10 9.19
N ALA B 45 13.75 50.70 10.48
CA ALA B 45 14.76 51.17 11.43
C ALA B 45 16.16 50.57 11.24
N THR B 46 16.27 49.27 10.94
CA THR B 46 17.57 48.59 10.86
C THR B 46 18.13 48.40 9.45
N GLY B 47 17.26 48.50 8.43
CA GLY B 47 17.66 48.30 7.05
C GLY B 47 17.94 46.87 6.67
N GLN B 48 17.45 45.93 7.50
CA GLN B 48 17.62 44.51 7.30
C GLN B 48 16.39 43.92 6.63
N GLU B 49 16.61 43.02 5.69
CA GLU B 49 15.50 42.36 5.00
C GLU B 49 14.93 41.25 5.89
N VAL B 50 13.58 41.20 6.03
CA VAL B 50 12.90 40.22 6.87
C VAL B 50 11.80 39.49 6.08
N ALA B 51 11.22 38.45 6.68
CA ALA B 51 10.11 37.71 6.10
C ALA B 51 8.94 37.95 7.04
N ILE B 52 7.73 38.13 6.48
CA ILE B 52 6.54 38.40 7.29
C ILE B 52 5.38 37.51 6.88
N LYS B 53 4.83 36.80 7.84
CA LYS B 53 3.64 35.99 7.63
C LYS B 53 2.44 36.74 8.14
N GLN B 54 1.38 36.84 7.33
CA GLN B 54 0.11 37.47 7.72
C GLN B 54 -0.95 36.37 7.78
N MET B 55 -1.56 36.15 8.94
CA MET B 55 -2.54 35.08 9.10
C MET B 55 -3.82 35.59 9.77
N ASN B 56 -4.98 35.31 9.16
CA ASN B 56 -6.28 35.72 9.71
C ASN B 56 -6.63 34.76 10.85
N LEU B 57 -6.81 35.29 12.06
CA LEU B 57 -7.10 34.47 13.24
C LEU B 57 -8.51 33.88 13.21
N GLN B 58 -9.47 34.58 12.58
CA GLN B 58 -10.87 34.15 12.45
C GLN B 58 -11.07 33.22 11.24
N GLU B 64 -5.71 29.96 22.26
CA GLU B 64 -4.73 29.46 23.22
C GLU B 64 -3.61 28.65 22.54
N LEU B 65 -3.92 28.01 21.40
CA LEU B 65 -2.95 27.24 20.61
C LEU B 65 -2.01 28.21 19.89
N ILE B 66 -2.54 29.36 19.46
CA ILE B 66 -1.78 30.44 18.79
C ILE B 66 -0.80 31.03 19.82
N ILE B 67 -1.27 31.21 21.08
CA ILE B 67 -0.44 31.71 22.18
C ILE B 67 0.77 30.79 22.40
N ASN B 68 0.54 29.46 22.53
CA ASN B 68 1.62 28.48 22.71
C ASN B 68 2.61 28.51 21.56
N GLU B 69 2.10 28.64 20.32
CA GLU B 69 2.92 28.72 19.12
C GLU B 69 3.86 29.95 19.14
N ILE B 70 3.31 31.15 19.47
CA ILE B 70 4.09 32.39 19.58
C ILE B 70 5.13 32.32 20.69
N LEU B 71 4.72 31.80 21.88
CA LEU B 71 5.61 31.66 23.03
C LEU B 71 6.79 30.72 22.76
N VAL B 72 6.53 29.59 22.08
CA VAL B 72 7.57 28.60 21.74
C VAL B 72 8.60 29.23 20.75
N MET B 73 8.13 30.03 19.76
CA MET B 73 8.98 30.74 18.78
C MET B 73 9.82 31.83 19.45
N ARG B 74 9.19 32.60 20.35
CA ARG B 74 9.81 33.74 21.03
C ARG B 74 10.90 33.30 22.01
N GLU B 75 10.67 32.18 22.71
CA GLU B 75 11.58 31.68 23.75
C GLU B 75 12.70 30.76 23.24
N ASN B 76 12.58 30.23 22.01
CA ASN B 76 13.56 29.29 21.47
C ASN B 76 14.10 29.72 20.13
N LYS B 77 15.43 29.88 20.06
CA LYS B 77 16.14 30.34 18.87
C LYS B 77 17.17 29.34 18.43
N ASN B 78 17.42 29.27 17.11
CA ASN B 78 18.42 28.37 16.56
C ASN B 78 18.99 28.99 15.28
N PRO B 79 20.33 28.90 15.05
CA PRO B 79 20.90 29.50 13.83
C PRO B 79 20.39 28.92 12.49
N ASN B 80 19.90 27.67 12.48
CA ASN B 80 19.49 27.00 11.23
C ASN B 80 18.00 27.12 10.87
N ILE B 81 17.28 28.04 11.52
CA ILE B 81 15.91 28.34 11.16
C ILE B 81 15.83 29.85 11.00
N VAL B 82 14.79 30.33 10.30
CA VAL B 82 14.49 31.76 10.26
C VAL B 82 13.82 32.01 11.63
N ASN B 83 14.51 32.75 12.52
CA ASN B 83 14.00 32.94 13.88
C ASN B 83 12.93 34.01 13.96
N TYR B 84 12.02 33.84 14.95
CA TYR B 84 10.98 34.82 15.30
C TYR B 84 11.69 36.12 15.67
N LEU B 85 11.19 37.25 15.17
CA LEU B 85 11.75 38.56 15.50
C LEU B 85 10.71 39.41 16.23
N ASP B 86 9.46 39.45 15.73
CA ASP B 86 8.35 40.22 16.30
C ASP B 86 7.03 39.64 15.84
N SER B 87 5.94 40.09 16.46
CA SER B 87 4.56 39.75 16.09
C SER B 87 3.64 40.92 16.41
N TYR B 88 2.62 41.10 15.56
CA TYR B 88 1.68 42.20 15.66
C TYR B 88 0.28 41.72 15.38
N LEU B 89 -0.70 42.35 16.02
CA LEU B 89 -2.11 42.06 15.81
C LEU B 89 -2.72 43.28 15.12
N VAL B 90 -3.16 43.11 13.86
CA VAL B 90 -3.79 44.20 13.09
C VAL B 90 -5.21 43.71 12.79
N GLY B 91 -6.17 44.19 13.59
CA GLY B 91 -7.55 43.76 13.51
C GLY B 91 -7.62 42.28 13.84
N ASP B 92 -8.10 41.46 12.88
CA ASP B 92 -8.23 40.01 13.03
C ASP B 92 -7.02 39.26 12.46
N GLU B 93 -5.99 40.02 12.03
CA GLU B 93 -4.80 39.42 11.46
C GLU B 93 -3.61 39.44 12.39
N LEU B 94 -2.91 38.31 12.45
CA LEU B 94 -1.69 38.14 13.20
C LEU B 94 -0.53 38.17 12.19
N TRP B 95 0.40 39.12 12.37
CA TRP B 95 1.60 39.27 11.55
C TRP B 95 2.77 38.78 12.35
N VAL B 96 3.55 37.83 11.79
CA VAL B 96 4.73 37.29 12.46
C VAL B 96 5.94 37.64 11.62
N VAL B 97 6.87 38.38 12.21
CA VAL B 97 8.09 38.82 11.54
C VAL B 97 9.20 37.84 11.88
N MET B 98 9.96 37.46 10.88
CA MET B 98 11.06 36.53 11.07
C MET B 98 12.25 36.88 10.19
N GLU B 99 13.39 36.21 10.45
CA GLU B 99 14.63 36.39 9.67
C GLU B 99 14.43 35.98 8.22
N TYR B 100 15.32 36.42 7.34
CA TYR B 100 15.28 36.07 5.92
C TYR B 100 16.70 36.02 5.38
N LEU B 101 16.97 35.15 4.39
CA LEU B 101 18.26 35.08 3.69
C LEU B 101 17.95 35.30 2.23
N ALA B 102 18.66 36.24 1.59
CA ALA B 102 18.39 36.67 0.21
C ALA B 102 19.26 36.07 -0.92
N GLY B 103 20.20 35.18 -0.58
CA GLY B 103 21.07 34.52 -1.55
C GLY B 103 20.30 33.71 -2.56
N GLY B 104 19.28 33.00 -2.08
CA GLY B 104 18.37 32.19 -2.89
C GLY B 104 17.85 31.00 -2.12
N SER B 105 17.20 30.08 -2.82
CA SER B 105 16.72 28.86 -2.19
C SER B 105 17.55 27.68 -2.66
N LEU B 106 17.47 26.55 -1.94
CA LEU B 106 18.14 25.34 -2.37
C LEU B 106 17.51 24.86 -3.70
N THR B 107 16.22 25.19 -3.96
CA THR B 107 15.56 24.84 -5.23
C THR B 107 16.30 25.44 -6.39
N ASP B 108 16.65 26.74 -6.31
CA ASP B 108 17.40 27.44 -7.34
C ASP B 108 18.71 26.70 -7.62
N VAL B 109 19.43 26.34 -6.55
CA VAL B 109 20.73 25.63 -6.64
C VAL B 109 20.62 24.26 -7.33
N VAL B 110 19.68 23.43 -6.91
CA VAL B 110 19.54 22.07 -7.47
C VAL B 110 18.98 22.07 -8.89
N THR B 111 18.20 23.10 -9.27
CA THR B 111 17.62 23.14 -10.62
C THR B 111 18.61 23.75 -11.63
N GLU B 112 19.54 24.60 -11.15
CA GLU B 112 20.47 25.30 -12.03
C GLU B 112 21.91 24.80 -12.01
N THR B 113 22.33 24.17 -10.90
CA THR B 113 23.73 23.72 -10.75
C THR B 113 23.80 22.24 -10.35
N CYS B 114 25.02 21.72 -10.25
CA CYS B 114 25.29 20.36 -9.83
C CYS B 114 26.14 20.41 -8.55
N MET B 115 25.61 19.85 -7.46
CA MET B 115 26.29 19.82 -6.15
C MET B 115 27.10 18.54 -6.03
N ASP B 116 28.26 18.61 -5.37
CA ASP B 116 29.06 17.41 -5.13
C ASP B 116 28.66 16.88 -3.75
N GLU B 117 29.10 15.67 -3.37
CA GLU B 117 28.74 15.04 -2.10
C GLU B 117 29.12 15.84 -0.86
N GLY B 118 30.26 16.54 -0.90
CA GLY B 118 30.74 17.40 0.18
C GLY B 118 29.82 18.59 0.43
N GLN B 119 29.25 19.14 -0.65
CA GLN B 119 28.32 20.27 -0.58
C GLN B 119 26.95 19.77 -0.10
N ILE B 120 26.55 18.55 -0.54
CA ILE B 120 25.28 17.93 -0.13
C ILE B 120 25.35 17.64 1.38
N ALA B 121 26.46 17.06 1.84
CA ALA B 121 26.69 16.73 3.26
C ALA B 121 26.61 17.99 4.13
N ALA B 122 27.18 19.14 3.65
CA ALA B 122 27.15 20.43 4.35
C ALA B 122 25.69 20.85 4.55
N VAL B 123 24.86 20.81 3.47
CA VAL B 123 23.46 21.22 3.52
C VAL B 123 22.64 20.26 4.43
N CYS B 124 22.86 18.92 4.31
CA CYS B 124 22.15 17.94 5.14
C CYS B 124 22.42 18.17 6.62
N ARG B 125 23.70 18.43 6.97
CA ARG B 125 24.06 18.67 8.37
C ARG B 125 23.31 19.88 8.93
N GLU B 126 23.28 21.00 8.20
CA GLU B 126 22.59 22.23 8.61
C GLU B 126 21.09 22.00 8.80
N CYS B 127 20.46 21.27 7.85
N CYS B 127 20.45 21.28 7.83
CA CYS B 127 19.03 20.94 7.91
CA CYS B 127 19.02 20.96 7.92
C CYS B 127 18.70 20.04 9.09
C CYS B 127 18.70 20.05 9.11
N LEU B 128 19.56 19.04 9.35
CA LEU B 128 19.38 18.10 10.47
C LEU B 128 19.52 18.79 11.81
N GLN B 129 20.39 19.83 11.89
CA GLN B 129 20.55 20.63 13.11
C GLN B 129 19.26 21.41 13.36
N ALA B 130 18.62 21.95 12.28
CA ALA B 130 17.33 22.66 12.39
C ALA B 130 16.24 21.66 12.86
N LEU B 131 16.24 20.45 12.30
CA LEU B 131 15.25 19.41 12.65
C LEU B 131 15.41 18.93 14.08
N GLU B 132 16.66 18.68 14.50
CA GLU B 132 16.93 18.25 15.86
C GLU B 132 16.37 19.30 16.83
N PHE B 133 16.60 20.60 16.54
CA PHE B 133 16.11 21.72 17.33
C PHE B 133 14.57 21.72 17.39
N LEU B 134 13.89 21.69 16.23
CA LEU B 134 12.43 21.69 16.20
C LEU B 134 11.85 20.48 16.92
N HIS B 135 12.37 19.27 16.65
CA HIS B 135 11.87 18.03 17.27
C HIS B 135 12.04 18.04 18.77
N SER B 136 13.15 18.64 19.28
CA SER B 136 13.41 18.74 20.73
C SER B 136 12.38 19.68 21.39
N ASN B 137 11.70 20.51 20.59
CA ASN B 137 10.66 21.42 21.06
C ASN B 137 9.26 20.91 20.75
N GLN B 138 9.15 19.61 20.39
CA GLN B 138 7.91 18.89 20.05
C GLN B 138 7.23 19.49 18.82
N VAL B 139 8.03 20.06 17.91
CA VAL B 139 7.52 20.65 16.67
C VAL B 139 7.91 19.74 15.51
N ILE B 140 6.93 19.40 14.65
CA ILE B 140 7.13 18.60 13.43
C ILE B 140 6.95 19.62 12.29
N HIS B 141 7.86 19.65 11.34
CA HIS B 141 7.81 20.60 10.24
C HIS B 141 6.71 20.23 9.22
N ARG B 142 6.73 18.99 8.73
CA ARG B 142 5.76 18.38 7.80
C ARG B 142 5.84 18.91 6.36
N ASP B 143 6.77 19.83 6.06
CA ASP B 143 6.91 20.36 4.71
C ASP B 143 8.38 20.59 4.32
N ILE B 144 9.25 19.64 4.69
CA ILE B 144 10.69 19.74 4.34
C ILE B 144 10.83 19.51 2.84
N LYS B 145 11.47 20.46 2.15
CA LYS B 145 11.73 20.43 0.71
C LYS B 145 12.72 21.55 0.40
N SER B 146 13.42 21.48 -0.75
CA SER B 146 14.44 22.49 -1.12
C SER B 146 13.92 23.95 -1.12
N ASP B 147 12.60 24.12 -1.42
CA ASP B 147 11.91 25.41 -1.47
C ASP B 147 11.92 26.08 -0.10
N ASN B 148 11.98 25.28 0.99
CA ASN B 148 12.00 25.77 2.37
C ASN B 148 13.39 25.89 2.97
N ILE B 149 14.41 25.82 2.13
CA ILE B 149 15.80 25.98 2.55
C ILE B 149 16.29 27.27 1.93
N LEU B 150 16.52 28.28 2.77
CA LEU B 150 17.03 29.57 2.30
C LEU B 150 18.54 29.59 2.48
N LEU B 151 19.24 30.26 1.56
CA LEU B 151 20.70 30.34 1.61
C LEU B 151 21.17 31.79 1.60
N GLY B 152 22.19 32.07 2.38
CA GLY B 152 22.83 33.37 2.40
C GLY B 152 23.92 33.30 1.34
N MET B 153 24.41 34.48 0.86
CA MET B 153 25.49 34.50 -0.14
C MET B 153 26.74 33.76 0.36
N ASP B 154 26.96 33.74 1.69
CA ASP B 154 28.08 33.07 2.34
C ASP B 154 27.85 31.55 2.51
N GLY B 155 26.71 31.05 2.03
CA GLY B 155 26.38 29.63 2.16
C GLY B 155 25.64 29.25 3.43
N SER B 156 25.29 30.23 4.30
CA SER B 156 24.53 29.93 5.54
C SER B 156 23.17 29.34 5.17
N VAL B 157 22.68 28.39 6.00
CA VAL B 157 21.44 27.67 5.74
C VAL B 157 20.42 27.93 6.82
N LYS B 158 19.20 28.31 6.40
CA LYS B 158 18.06 28.48 7.31
C LYS B 158 16.83 27.81 6.73
N LEU B 159 16.17 27.02 7.58
CA LEU B 159 14.91 26.36 7.25
C LEU B 159 13.77 27.33 7.48
N THR B 160 12.78 27.33 6.55
CA THR B 160 11.54 28.12 6.61
C THR B 160 10.32 27.19 6.53
N ASP B 161 9.13 27.73 6.79
CA ASP B 161 7.88 26.97 6.69
C ASP B 161 6.88 27.88 5.96
N PHE B 162 7.19 28.22 4.70
CA PHE B 162 6.38 29.21 3.98
C PHE B 162 5.06 28.64 3.43
N GLY B 163 4.82 27.35 3.67
CA GLY B 163 3.58 26.68 3.32
C GLY B 163 2.69 26.47 4.55
N PHE B 164 3.12 26.99 5.73
CA PHE B 164 2.39 26.99 7.01
C PHE B 164 2.03 25.57 7.50
N CYS B 165 2.96 24.64 7.45
CA CYS B 165 2.68 23.25 7.83
C CYS B 165 3.13 22.87 9.22
N ALA B 166 4.17 23.54 9.74
CA ALA B 166 4.75 23.18 11.03
C ALA B 166 3.83 23.44 12.18
N GLN B 167 3.92 22.59 13.18
CA GLN B 167 3.11 22.76 14.39
C GLN B 167 3.65 21.98 15.57
N ILE B 168 3.31 22.45 16.78
CA ILE B 168 3.61 21.73 18.01
C ILE B 168 2.69 20.51 17.90
N THR B 169 3.22 19.29 18.17
CA THR B 169 2.47 18.04 18.12
C THR B 169 1.17 18.17 18.97
N PRO B 170 -0.03 17.95 18.36
CA PRO B 170 -1.28 18.10 19.15
C PRO B 170 -1.65 16.85 19.94
N THR B 177 -6.15 15.81 8.79
CA THR B 177 -5.98 16.53 7.53
C THR B 177 -4.58 16.25 6.91
N MET B 178 -4.53 16.06 5.55
CA MET B 178 -3.30 15.77 4.81
C MET B 178 -2.58 17.06 4.49
N VAL B 179 -1.41 17.18 5.06
CA VAL B 179 -0.55 18.36 5.02
C VAL B 179 0.82 17.98 4.40
N GLY B 180 1.38 18.91 3.64
CA GLY B 180 2.70 18.80 3.03
C GLY B 180 2.68 19.04 1.54
N THR B 181 3.77 18.66 0.85
CA THR B 181 3.90 18.78 -0.60
C THR B 181 4.05 17.35 -1.10
N PRO B 182 3.12 16.90 -1.96
CA PRO B 182 3.07 15.47 -2.34
C PRO B 182 4.38 14.75 -2.60
N TYR B 183 5.26 15.26 -3.48
CA TYR B 183 6.52 14.56 -3.82
C TYR B 183 7.45 14.28 -2.62
N TRP B 184 7.35 15.06 -1.55
CA TRP B 184 8.21 14.90 -0.37
C TRP B 184 7.52 14.15 0.77
N MET B 185 6.26 13.77 0.60
CA MET B 185 5.52 13.13 1.71
C MET B 185 5.94 11.69 2.00
N ALA B 186 6.07 11.35 3.29
CA ALA B 186 6.40 10.00 3.74
C ALA B 186 5.20 9.06 3.42
N PRO B 187 5.43 7.77 3.13
CA PRO B 187 4.29 6.89 2.79
C PRO B 187 3.23 6.79 3.87
N GLU B 188 3.63 6.81 5.18
CA GLU B 188 2.69 6.72 6.28
C GLU B 188 1.82 7.99 6.41
N VAL B 189 2.30 9.13 5.87
CA VAL B 189 1.51 10.35 5.83
C VAL B 189 0.44 10.15 4.71
N VAL B 190 0.89 9.72 3.53
CA VAL B 190 -0.01 9.51 2.37
C VAL B 190 -1.14 8.53 2.69
N THR B 191 -0.80 7.39 3.32
CA THR B 191 -1.78 6.34 3.58
C THR B 191 -2.56 6.51 4.88
N ARG B 192 -1.95 7.02 5.96
CA ARG B 192 -2.73 7.07 7.19
C ARG B 192 -2.50 8.33 8.03
N LYS B 193 -1.92 9.39 7.42
CA LYS B 193 -1.66 10.68 8.07
C LYS B 193 -0.94 10.53 9.43
N ALA B 194 0.02 9.60 9.51
CA ALA B 194 0.78 9.31 10.73
C ALA B 194 1.95 10.30 10.86
N TYR B 195 1.66 11.51 11.37
CA TYR B 195 2.65 12.56 11.56
C TYR B 195 3.51 12.26 12.78
N GLY B 196 4.80 12.52 12.62
CA GLY B 196 5.78 12.30 13.67
C GLY B 196 7.08 12.89 13.19
N PRO B 197 8.09 13.01 14.07
CA PRO B 197 9.38 13.58 13.63
C PRO B 197 10.01 12.88 12.43
N LYS B 198 9.79 11.56 12.28
CA LYS B 198 10.39 10.77 11.20
C LYS B 198 9.89 11.14 9.80
N VAL B 199 8.74 11.85 9.69
CA VAL B 199 8.26 12.27 8.36
C VAL B 199 9.18 13.37 7.81
N ASP B 200 9.81 14.18 8.71
CA ASP B 200 10.75 15.23 8.31
C ASP B 200 12.05 14.61 7.84
N ILE B 201 12.45 13.48 8.44
CA ILE B 201 13.64 12.74 8.04
C ILE B 201 13.43 12.15 6.64
N TRP B 202 12.24 11.55 6.39
CA TRP B 202 11.90 11.04 5.05
C TRP B 202 12.03 12.19 4.04
N SER B 203 11.36 13.31 4.32
CA SER B 203 11.40 14.48 3.46
C SER B 203 12.82 14.99 3.22
N LEU B 204 13.68 14.92 4.24
CA LEU B 204 15.10 15.30 4.08
C LEU B 204 15.80 14.35 3.07
N GLY B 205 15.49 13.05 3.15
CA GLY B 205 16.01 12.05 2.22
C GLY B 205 15.56 12.36 0.79
N ILE B 206 14.30 12.82 0.62
CA ILE B 206 13.79 13.24 -0.71
C ILE B 206 14.55 14.49 -1.19
N MET B 207 14.85 15.41 -0.26
CA MET B 207 15.60 16.62 -0.59
C MET B 207 17.05 16.26 -0.98
N ALA B 208 17.64 15.22 -0.35
CA ALA B 208 18.96 14.75 -0.74
C ALA B 208 18.91 14.21 -2.18
N ILE B 209 17.79 13.53 -2.57
CA ILE B 209 17.61 13.07 -3.95
C ILE B 209 17.54 14.31 -4.90
N GLU B 210 16.84 15.38 -4.47
CA GLU B 210 16.81 16.62 -5.28
C GLU B 210 18.23 17.12 -5.55
N MET B 211 19.08 17.09 -4.52
CA MET B 211 20.48 17.56 -4.63
C MET B 211 21.36 16.69 -5.55
N ILE B 212 21.02 15.40 -5.74
CA ILE B 212 21.73 14.44 -6.60
C ILE B 212 21.20 14.58 -8.04
N GLU B 213 19.86 14.46 -8.20
CA GLU B 213 19.18 14.37 -9.51
C GLU B 213 18.52 15.64 -10.01
N GLY B 214 18.35 16.64 -9.15
CA GLY B 214 17.76 17.93 -9.51
C GLY B 214 16.28 18.04 -9.24
N GLU B 215 15.63 16.89 -8.96
CA GLU B 215 14.20 16.81 -8.75
C GLU B 215 13.87 15.72 -7.76
N PRO B 216 12.69 15.81 -7.06
CA PRO B 216 12.29 14.68 -6.20
C PRO B 216 11.76 13.58 -7.14
N PRO B 217 11.65 12.30 -6.71
CA PRO B 217 11.07 11.30 -7.63
C PRO B 217 9.66 11.69 -8.07
N TYR B 218 9.31 11.31 -9.32
CA TYR B 218 7.96 11.48 -9.91
C TYR B 218 7.58 12.92 -10.22
N LEU B 219 8.53 13.88 -10.24
CA LEU B 219 8.18 15.28 -10.54
C LEU B 219 7.56 15.45 -11.95
N ASN B 220 7.79 14.52 -12.88
CA ASN B 220 7.18 14.60 -14.21
C ASN B 220 5.68 14.26 -14.14
N GLU B 221 5.24 13.64 -13.01
CA GLU B 221 3.84 13.26 -12.82
C GLU B 221 3.12 14.40 -12.12
N ASN B 222 1.78 14.45 -12.24
CA ASN B 222 1.00 15.46 -11.52
C ASN B 222 1.05 15.12 -10.01
N PRO B 223 0.81 16.09 -9.09
CA PRO B 223 1.01 15.81 -7.66
C PRO B 223 0.13 14.70 -7.09
N LEU B 224 -1.09 14.52 -7.60
CA LEU B 224 -2.00 13.47 -7.10
C LEU B 224 -1.51 12.09 -7.50
N ARG B 225 -1.04 11.93 -8.76
CA ARG B 225 -0.44 10.67 -9.23
C ARG B 225 0.77 10.33 -8.37
N ALA B 226 1.61 11.33 -8.03
CA ALA B 226 2.77 11.13 -7.17
C ALA B 226 2.35 10.50 -5.81
N LEU B 227 1.21 10.92 -5.23
CA LEU B 227 0.73 10.32 -3.99
C LEU B 227 0.55 8.80 -4.12
N TYR B 228 -0.05 8.35 -5.24
CA TYR B 228 -0.28 6.92 -5.51
C TYR B 228 1.05 6.21 -5.75
N LEU B 229 2.00 6.89 -6.37
CA LEU B 229 3.34 6.32 -6.62
C LEU B 229 4.12 6.16 -5.31
N ILE B 230 4.00 7.14 -4.42
CA ILE B 230 4.64 7.06 -3.09
C ILE B 230 4.01 5.94 -2.26
N ALA B 231 2.66 5.92 -2.19
CA ALA B 231 1.95 4.90 -1.39
C ALA B 231 2.23 3.46 -1.84
N THR B 232 2.44 3.26 -3.15
CA THR B 232 2.69 1.92 -3.70
C THR B 232 4.17 1.55 -3.74
N ASN B 233 5.04 2.43 -4.26
CA ASN B 233 6.49 2.15 -4.34
C ASN B 233 7.19 2.14 -2.99
N GLY B 234 6.80 3.04 -2.11
CA GLY B 234 7.43 3.18 -0.80
C GLY B 234 8.77 3.88 -1.00
N THR B 235 9.87 3.24 -0.54
CA THR B 235 11.23 3.80 -0.70
C THR B 235 11.52 4.03 -2.17
N PRO B 236 11.79 5.28 -2.61
CA PRO B 236 12.02 5.49 -4.06
C PRO B 236 13.38 4.97 -4.49
N GLU B 237 13.52 4.71 -5.78
CA GLU B 237 14.80 4.25 -6.34
C GLU B 237 15.58 5.39 -6.99
N LEU B 238 16.92 5.33 -6.93
CA LEU B 238 17.74 6.33 -7.60
C LEU B 238 17.97 5.91 -9.04
N GLN B 239 18.20 6.89 -9.92
CA GLN B 239 18.47 6.63 -11.33
C GLN B 239 19.85 5.97 -11.51
N ASN B 240 20.88 6.51 -10.86
CA ASN B 240 22.25 6.01 -10.97
C ASN B 240 22.87 5.84 -9.58
N PRO B 241 22.44 4.82 -8.80
CA PRO B 241 22.99 4.65 -7.43
C PRO B 241 24.49 4.33 -7.37
N GLU B 242 25.02 3.69 -8.41
CA GLU B 242 26.44 3.32 -8.51
C GLU B 242 27.39 4.56 -8.52
N LYS B 243 26.88 5.75 -8.87
CA LYS B 243 27.66 6.99 -8.91
C LYS B 243 27.86 7.60 -7.53
N LEU B 244 27.14 7.09 -6.52
CA LEU B 244 27.17 7.61 -5.15
C LEU B 244 28.14 6.77 -4.29
N SER B 245 28.81 7.42 -3.31
CA SER B 245 29.68 6.70 -2.37
C SER B 245 28.81 5.76 -1.52
N ALA B 246 29.41 4.69 -0.94
CA ALA B 246 28.67 3.75 -0.09
C ALA B 246 28.14 4.48 1.17
N ILE B 247 28.91 5.47 1.66
CA ILE B 247 28.55 6.25 2.85
C ILE B 247 27.31 7.14 2.57
N PHE B 248 27.24 7.78 1.38
CA PHE B 248 26.09 8.58 1.03
C PHE B 248 24.87 7.67 0.83
N ARG B 249 25.05 6.51 0.17
CA ARG B 249 23.96 5.56 -0.04
C ARG B 249 23.42 5.06 1.30
N ASP B 250 24.31 4.84 2.29
CA ASP B 250 23.87 4.39 3.61
C ASP B 250 23.03 5.50 4.29
N PHE B 251 23.47 6.74 4.20
CA PHE B 251 22.74 7.88 4.78
C PHE B 251 21.33 7.97 4.18
N LEU B 252 21.21 7.90 2.83
CA LEU B 252 19.93 7.93 2.11
C LEU B 252 19.03 6.79 2.55
N ASN B 253 19.59 5.57 2.70
CA ASN B 253 18.83 4.41 3.17
C ASN B 253 18.24 4.65 4.54
N ARG B 254 19.02 5.27 5.47
CA ARG B 254 18.56 5.57 6.81
C ARG B 254 17.45 6.62 6.83
N CYS B 255 17.46 7.60 5.89
CA CYS B 255 16.44 8.62 5.77
C CYS B 255 15.16 8.04 5.19
N LEU B 256 15.30 7.07 4.26
CA LEU B 256 14.15 6.58 3.50
C LEU B 256 13.66 5.18 3.84
N GLU B 257 13.90 4.71 5.08
CA GLU B 257 13.37 3.41 5.53
C GLU B 257 11.85 3.47 5.59
N MET B 258 11.15 2.38 5.17
CA MET B 258 9.69 2.30 5.25
C MET B 258 9.26 2.20 6.72
N ASP B 259 10.06 1.46 7.50
CA ASP B 259 9.84 1.22 8.91
C ASP B 259 10.22 2.47 9.65
N VAL B 260 9.22 3.13 10.22
CA VAL B 260 9.34 4.38 10.97
C VAL B 260 10.42 4.26 12.09
N GLU B 261 10.42 3.14 12.84
CA GLU B 261 11.38 2.85 13.91
C GLU B 261 12.82 2.74 13.39
N LYS B 262 13.02 2.13 12.21
CA LYS B 262 14.35 1.96 11.62
C LYS B 262 14.86 3.25 10.97
N ARG B 263 13.95 4.14 10.54
CA ARG B 263 14.32 5.43 9.96
C ARG B 263 15.10 6.24 11.02
N GLY B 264 16.20 6.85 10.64
CA GLY B 264 17.03 7.61 11.58
C GLY B 264 16.32 8.82 12.18
N SER B 265 16.68 9.20 13.43
CA SER B 265 16.14 10.43 14.03
C SER B 265 17.15 11.53 13.61
N ALA B 266 16.82 12.83 13.76
CA ALA B 266 17.76 13.90 13.40
C ALA B 266 19.04 13.81 14.25
N LYS B 267 18.88 13.53 15.56
CA LYS B 267 20.00 13.38 16.48
C LYS B 267 20.94 12.23 16.05
N GLU B 268 20.36 11.06 15.69
CA GLU B 268 21.17 9.92 15.23
C GLU B 268 21.89 10.22 13.92
N LEU B 269 21.21 10.84 12.94
CA LEU B 269 21.78 11.14 11.63
C LEU B 269 22.89 12.19 11.68
N LEU B 270 22.85 13.06 12.69
CA LEU B 270 23.91 14.05 12.89
C LEU B 270 25.26 13.37 13.22
N GLN B 271 25.21 12.08 13.60
CA GLN B 271 26.41 11.28 13.90
C GLN B 271 26.87 10.44 12.69
N HIS B 272 26.11 10.47 11.57
CA HIS B 272 26.46 9.67 10.38
C HIS B 272 27.78 10.11 9.75
N GLN B 273 28.58 9.14 9.28
CA GLN B 273 29.88 9.35 8.61
C GLN B 273 29.74 10.20 7.35
N PHE B 274 28.57 10.19 6.70
CA PHE B 274 28.35 11.02 5.51
C PHE B 274 28.57 12.49 5.84
N LEU B 275 28.10 12.95 7.01
CA LEU B 275 28.25 14.35 7.37
C LEU B 275 29.71 14.75 7.67
N LYS B 276 30.57 13.76 7.96
CA LYS B 276 32.00 14.00 8.28
C LYS B 276 32.80 14.39 7.02
N ILE B 277 32.21 14.23 5.80
CA ILE B 277 32.87 14.68 4.56
C ILE B 277 32.35 16.06 4.13
N ALA B 278 31.58 16.75 5.00
CA ALA B 278 31.05 18.06 4.67
C ALA B 278 32.11 19.10 4.37
N LYS B 279 31.92 19.82 3.27
CA LYS B 279 32.79 20.90 2.85
C LYS B 279 32.35 22.16 3.61
N PRO B 280 33.17 23.21 3.77
CA PRO B 280 32.66 24.42 4.45
C PRO B 280 31.50 25.03 3.66
N LEU B 281 30.61 25.76 4.33
CA LEU B 281 29.46 26.39 3.68
C LEU B 281 29.85 27.39 2.59
N SER B 282 31.06 27.98 2.69
CA SER B 282 31.62 28.90 1.68
C SER B 282 31.72 28.22 0.29
N SER B 283 31.84 26.86 0.25
CA SER B 283 31.88 26.07 -1.00
C SER B 283 30.57 26.19 -1.81
N LEU B 284 29.49 26.66 -1.16
CA LEU B 284 28.19 26.83 -1.79
C LEU B 284 28.06 28.15 -2.54
N THR B 285 28.84 29.18 -2.13
CA THR B 285 28.78 30.54 -2.71
C THR B 285 28.81 30.55 -4.27
N PRO B 286 29.73 29.83 -4.98
CA PRO B 286 29.67 29.85 -6.46
C PRO B 286 28.38 29.26 -7.04
N LEU B 287 27.82 28.23 -6.38
CA LEU B 287 26.55 27.63 -6.81
C LEU B 287 25.39 28.63 -6.63
N ILE B 288 25.36 29.30 -5.47
CA ILE B 288 24.32 30.29 -5.14
C ILE B 288 24.37 31.47 -6.15
N ALA B 289 25.59 31.94 -6.48
CA ALA B 289 25.78 33.04 -7.43
C ALA B 289 25.31 32.63 -8.85
N ALA B 290 25.67 31.40 -9.30
CA ALA B 290 25.28 30.88 -10.62
C ALA B 290 23.77 30.65 -10.73
N ALA B 291 23.14 30.14 -9.66
CA ALA B 291 21.69 29.87 -9.65
C ALA B 291 20.88 31.16 -9.64
N LYS B 292 21.39 32.20 -8.98
CA LYS B 292 20.70 33.49 -8.90
C LYS B 292 20.41 34.10 -10.28
N GLU B 293 19.09 34.30 -10.54
CA GLU B 293 18.51 34.95 -11.72
C GLU B 293 18.33 36.40 -11.27
N ALA B 294 19.15 37.31 -11.82
CA ALA B 294 19.18 38.74 -11.47
C ALA B 294 17.83 39.45 -11.65
N ASP C 4 -1.33 44.63 -25.85
CA ASP C 4 -1.53 44.51 -24.40
C ASP C 4 -2.23 45.74 -23.83
N GLU C 5 -1.91 46.93 -24.36
CA GLU C 5 -2.54 48.20 -23.97
C GLU C 5 -3.97 48.22 -24.51
N GLU C 6 -4.20 47.56 -25.67
CA GLU C 6 -5.50 47.39 -26.32
C GLU C 6 -6.33 46.36 -25.57
N ILE C 7 -5.69 45.26 -25.11
CA ILE C 7 -6.33 44.18 -24.34
C ILE C 7 -6.76 44.74 -22.97
N LEU C 8 -5.86 45.52 -22.32
CA LEU C 8 -6.13 46.18 -21.03
C LEU C 8 -7.25 47.21 -21.18
N GLU C 9 -7.36 47.85 -22.37
CA GLU C 9 -8.40 48.83 -22.68
C GLU C 9 -9.78 48.17 -22.77
N LYS C 10 -9.85 46.95 -23.35
CA LYS C 10 -11.08 46.18 -23.48
C LYS C 10 -11.59 45.75 -22.09
N LEU C 11 -10.67 45.33 -21.20
CA LEU C 11 -10.99 44.91 -19.83
C LEU C 11 -11.57 46.08 -19.04
N ARG C 12 -10.99 47.26 -19.23
CA ARG C 12 -11.40 48.52 -18.64
C ARG C 12 -12.82 48.90 -19.11
N SER C 13 -13.15 48.61 -20.38
CA SER C 13 -14.46 48.92 -20.98
C SER C 13 -15.60 47.98 -20.48
N ILE C 14 -15.25 46.77 -20.05
CA ILE C 14 -16.20 45.76 -19.58
C ILE C 14 -16.51 45.91 -18.09
N VAL C 15 -15.46 46.11 -17.26
CA VAL C 15 -15.61 46.29 -15.81
C VAL C 15 -16.29 47.63 -15.52
N SER C 16 -16.95 47.75 -14.36
CA SER C 16 -17.59 49.00 -13.97
C SER C 16 -16.54 50.00 -13.48
N VAL C 17 -16.85 51.30 -13.58
CA VAL C 17 -15.98 52.39 -13.14
C VAL C 17 -16.02 52.47 -11.60
N GLY C 18 -14.87 52.70 -10.98
CA GLY C 18 -14.81 52.89 -9.54
C GLY C 18 -13.93 51.97 -8.72
N ASP C 19 -13.82 52.33 -7.43
CA ASP C 19 -13.05 51.62 -6.43
C ASP C 19 -14.03 50.90 -5.49
N PRO C 20 -14.01 49.54 -5.41
CA PRO C 20 -14.94 48.85 -4.50
C PRO C 20 -14.68 49.14 -3.02
N LYS C 21 -13.43 49.52 -2.66
CA LYS C 21 -13.02 49.88 -1.30
C LYS C 21 -13.75 51.12 -0.78
N LYS C 22 -14.38 51.87 -1.72
CA LYS C 22 -15.19 53.06 -1.44
C LYS C 22 -16.69 52.75 -1.65
N LYS C 23 -17.02 51.94 -2.67
CA LYS C 23 -18.41 51.57 -3.02
C LYS C 23 -19.02 50.49 -2.09
N TYR C 24 -18.15 49.77 -1.37
CA TYR C 24 -18.52 48.73 -0.42
C TYR C 24 -17.87 49.05 0.93
N THR C 25 -18.50 48.60 2.02
CA THR C 25 -17.98 48.78 3.37
C THR C 25 -18.14 47.48 4.16
N ARG C 26 -17.65 47.47 5.42
CA ARG C 26 -17.71 46.34 6.33
C ARG C 26 -17.14 45.08 5.69
N PHE C 27 -15.93 45.21 5.11
CA PHE C 27 -15.20 44.13 4.48
C PHE C 27 -14.75 43.15 5.55
N GLU C 28 -15.00 41.86 5.33
CA GLU C 28 -14.61 40.80 6.24
C GLU C 28 -14.03 39.68 5.40
N LYS C 29 -12.72 39.39 5.58
CA LYS C 29 -12.03 38.32 4.87
C LYS C 29 -12.61 36.98 5.29
N ILE C 30 -13.09 36.19 4.32
CA ILE C 30 -13.69 34.89 4.60
C ILE C 30 -12.87 33.73 4.04
N GLY C 31 -11.93 34.04 3.16
CA GLY C 31 -11.13 33.01 2.52
C GLY C 31 -9.95 33.55 1.76
N GLN C 32 -8.99 32.67 1.47
CA GLN C 32 -7.78 33.01 0.74
C GLN C 32 -7.25 31.76 0.05
N GLY C 33 -6.65 31.95 -1.11
CA GLY C 33 -6.01 30.89 -1.89
C GLY C 33 -4.81 31.46 -2.62
N ALA C 34 -4.12 30.63 -3.40
CA ALA C 34 -2.95 31.09 -4.15
C ALA C 34 -3.31 32.18 -5.19
N SER C 35 -4.54 32.12 -5.72
CA SER C 35 -5.05 33.00 -6.77
C SER C 35 -5.65 34.32 -6.28
N GLY C 36 -6.10 34.38 -5.03
CA GLY C 36 -6.69 35.59 -4.49
C GLY C 36 -7.32 35.47 -3.12
N THR C 37 -8.07 36.53 -2.74
CA THR C 37 -8.76 36.64 -1.45
C THR C 37 -10.27 36.83 -1.65
N VAL C 38 -11.07 36.27 -0.73
CA VAL C 38 -12.53 36.38 -0.76
C VAL C 38 -12.97 37.15 0.49
N TYR C 39 -13.87 38.12 0.29
CA TYR C 39 -14.44 38.95 1.34
C TYR C 39 -15.95 38.96 1.28
N THR C 40 -16.60 39.23 2.40
CA THR C 40 -18.02 39.54 2.39
C THR C 40 -18.00 41.05 2.63
N ALA C 41 -18.98 41.79 2.09
CA ALA C 41 -19.04 43.24 2.27
C ALA C 41 -20.45 43.71 2.07
N MET C 42 -20.67 45.00 2.32
CA MET C 42 -21.98 45.60 2.18
C MET C 42 -21.92 46.70 1.15
N ASP C 43 -22.83 46.63 0.18
CA ASP C 43 -22.95 47.66 -0.84
C ASP C 43 -23.48 48.90 -0.14
N ALA C 45 -24.71 51.81 -1.11
CA ALA C 45 -25.95 52.40 -1.61
C ALA C 45 -27.21 51.53 -1.44
N THR C 46 -27.11 50.21 -1.66
CA THR C 46 -28.26 49.28 -1.61
C THR C 46 -28.47 48.53 -0.29
N GLY C 47 -27.42 48.43 0.52
CA GLY C 47 -27.47 47.73 1.80
C GLY C 47 -27.49 46.21 1.67
N GLN C 48 -27.12 45.70 0.48
CA GLN C 48 -27.07 44.27 0.15
C GLN C 48 -25.69 43.69 0.50
N GLU C 49 -25.71 42.50 1.15
CA GLU C 49 -24.53 41.71 1.51
C GLU C 49 -24.11 40.89 0.30
N VAL C 50 -22.87 41.10 -0.11
CA VAL C 50 -22.29 40.51 -1.29
C VAL C 50 -21.00 39.80 -0.92
N ALA C 51 -20.47 38.99 -1.84
CA ALA C 51 -19.17 38.35 -1.72
C ALA C 51 -18.32 39.02 -2.77
N ILE C 52 -17.06 39.30 -2.44
CA ILE C 52 -16.13 39.98 -3.36
C ILE C 52 -14.81 39.26 -3.43
N LYS C 53 -14.39 38.91 -4.65
CA LYS C 53 -13.12 38.27 -4.91
C LYS C 53 -12.13 39.32 -5.40
N GLN C 54 -10.95 39.37 -4.79
CA GLN C 54 -9.89 40.27 -5.24
C GLN C 54 -8.74 39.44 -5.80
N MET C 55 -8.32 39.76 -7.03
CA MET C 55 -7.25 39.02 -7.72
C MET C 55 -6.26 39.98 -8.36
N ASN C 56 -4.96 39.72 -8.19
CA ASN C 56 -3.91 40.54 -8.78
C ASN C 56 -3.65 40.08 -10.21
N LYS C 62 -2.32 36.25 -19.89
CA LYS C 62 -3.42 36.27 -20.85
C LYS C 62 -4.65 36.96 -20.27
N LYS C 63 -4.72 38.30 -20.45
CA LYS C 63 -5.83 39.14 -19.97
C LYS C 63 -7.11 38.91 -20.80
N GLU C 64 -6.98 38.36 -22.03
CA GLU C 64 -8.10 38.05 -22.93
C GLU C 64 -8.97 36.93 -22.36
N LEU C 65 -8.38 36.03 -21.54
CA LEU C 65 -9.10 34.94 -20.87
C LEU C 65 -9.96 35.52 -19.75
N ILE C 66 -9.45 36.57 -19.07
CA ILE C 66 -10.16 37.29 -18.00
C ILE C 66 -11.39 37.99 -18.62
N ILE C 67 -11.20 38.61 -19.82
CA ILE C 67 -12.26 39.28 -20.57
C ILE C 67 -13.42 38.29 -20.85
N ASN C 68 -13.11 37.10 -21.40
CA ASN C 68 -14.09 36.08 -21.74
C ASN C 68 -14.79 35.55 -20.48
N GLU C 69 -14.04 35.41 -19.37
CA GLU C 69 -14.57 34.95 -18.09
C GLU C 69 -15.62 35.91 -17.55
N ILE C 70 -15.34 37.22 -17.55
CA ILE C 70 -16.28 38.25 -17.08
C ILE C 70 -17.56 38.23 -17.94
N LEU C 71 -17.41 38.17 -19.28
CA LEU C 71 -18.54 38.13 -20.22
C LEU C 71 -19.44 36.90 -20.00
N VAL C 72 -18.85 35.71 -19.82
CA VAL C 72 -19.59 34.47 -19.56
C VAL C 72 -20.41 34.60 -18.25
N MET C 73 -19.76 35.09 -17.16
CA MET C 73 -20.40 35.25 -15.85
C MET C 73 -21.55 36.26 -15.91
N ARG C 74 -21.34 37.38 -16.62
CA ARG C 74 -22.28 38.48 -16.75
C ARG C 74 -23.52 38.08 -17.57
N GLU C 75 -23.32 37.27 -18.62
CA GLU C 75 -24.38 36.85 -19.55
C GLU C 75 -25.14 35.59 -19.15
N ASN C 76 -24.63 34.84 -18.17
CA ASN C 76 -25.26 33.58 -17.75
C ASN C 76 -25.53 33.53 -16.27
N LYS C 77 -26.82 33.41 -15.90
CA LYS C 77 -27.26 33.40 -14.51
C LYS C 77 -28.03 32.12 -14.19
N ASN C 78 -27.94 31.66 -12.94
CA ASN C 78 -28.67 30.48 -12.48
C ASN C 78 -28.96 30.61 -10.97
N PRO C 79 -30.17 30.23 -10.51
CA PRO C 79 -30.47 30.35 -9.06
C PRO C 79 -29.58 29.56 -8.10
N ASN C 80 -28.94 28.45 -8.57
CA ASN C 80 -28.14 27.58 -7.70
C ASN C 80 -26.64 27.87 -7.67
N ILE C 81 -26.23 29.06 -8.15
CA ILE C 81 -24.85 29.52 -8.03
C ILE C 81 -24.91 30.91 -7.44
N VAL C 82 -23.77 31.40 -6.89
CA VAL C 82 -23.66 32.80 -6.50
C VAL C 82 -23.40 33.53 -7.83
N ASN C 83 -24.34 34.36 -8.25
CA ASN C 83 -24.22 35.03 -9.54
C ASN C 83 -23.34 36.25 -9.52
N TYR C 84 -22.75 36.55 -10.69
CA TYR C 84 -21.95 37.75 -10.93
C TYR C 84 -22.88 38.93 -10.77
N LEU C 85 -22.42 39.98 -10.06
CA LEU C 85 -23.20 41.20 -9.87
C LEU C 85 -22.49 42.40 -10.51
N ASP C 86 -21.15 42.50 -10.32
CA ASP C 86 -20.32 43.58 -10.83
C ASP C 86 -18.85 43.23 -10.80
N SER C 87 -18.02 44.07 -11.44
CA SER C 87 -16.56 43.91 -11.46
C SER C 87 -15.90 45.25 -11.55
N TYR C 88 -14.68 45.36 -10.96
CA TYR C 88 -13.90 46.60 -10.91
C TYR C 88 -12.44 46.30 -11.15
N LEU C 89 -11.71 47.27 -11.68
CA LEU C 89 -10.28 47.13 -11.92
C LEU C 89 -9.60 48.33 -11.30
N VAL C 90 -8.82 48.07 -10.23
CA VAL C 90 -8.11 49.09 -9.45
C VAL C 90 -6.62 48.83 -9.65
N GLY C 91 -6.03 49.54 -10.60
CA GLY C 91 -4.64 49.33 -10.99
C GLY C 91 -4.49 47.93 -11.55
N ASP C 92 -3.67 47.10 -10.87
CA ASP C 92 -3.46 45.69 -11.26
C ASP C 92 -4.41 44.72 -10.51
N GLU C 93 -5.36 45.23 -9.70
CA GLU C 93 -6.29 44.41 -8.93
C GLU C 93 -7.71 44.34 -9.54
N LEU C 94 -8.14 43.11 -9.93
CA LEU C 94 -9.49 42.86 -10.44
C LEU C 94 -10.35 42.40 -9.28
N TRP C 95 -11.50 43.06 -9.10
CA TRP C 95 -12.45 42.73 -8.03
C TRP C 95 -13.73 42.25 -8.69
N VAL C 96 -14.23 41.10 -8.28
CA VAL C 96 -15.48 40.56 -8.83
C VAL C 96 -16.49 40.45 -7.70
N VAL C 97 -17.62 41.12 -7.85
CA VAL C 97 -18.70 41.14 -6.87
C VAL C 97 -19.73 40.09 -7.26
N MET C 98 -20.17 39.31 -6.29
CA MET C 98 -21.15 38.26 -6.52
C MET C 98 -22.13 38.13 -5.38
N GLU C 99 -23.20 37.35 -5.58
CA GLU C 99 -24.22 37.07 -4.55
C GLU C 99 -23.59 36.35 -3.36
N TYR C 100 -24.28 36.40 -2.22
CA TYR C 100 -23.85 35.74 -1.00
C TYR C 100 -25.06 35.27 -0.22
N LEU C 101 -24.93 34.12 0.48
CA LEU C 101 -25.97 33.58 1.37
C LEU C 101 -25.33 33.49 2.73
N ALA C 102 -26.00 34.05 3.75
CA ALA C 102 -25.46 34.18 5.11
C ALA C 102 -25.92 33.12 6.12
N GLY C 103 -26.66 32.10 5.68
CA GLY C 103 -27.15 31.01 6.55
C GLY C 103 -26.04 30.11 7.08
N GLY C 104 -24.96 29.99 6.31
CA GLY C 104 -23.78 29.21 6.62
C GLY C 104 -23.35 28.34 5.46
N SER C 105 -22.43 27.40 5.70
CA SER C 105 -21.99 26.48 4.65
C SER C 105 -22.51 25.08 4.93
N LEU C 106 -22.43 24.18 3.93
CA LEU C 106 -22.80 22.77 4.16
C LEU C 106 -21.81 22.13 5.15
N THR C 107 -20.56 22.63 5.19
CA THR C 107 -19.56 22.16 6.16
C THR C 107 -20.06 22.36 7.59
N ASP C 108 -20.60 23.53 7.91
CA ASP C 108 -21.18 23.85 9.22
C ASP C 108 -22.27 22.86 9.59
N VAL C 109 -23.18 22.58 8.64
CA VAL C 109 -24.30 21.65 8.82
C VAL C 109 -23.84 20.22 9.11
N VAL C 110 -22.90 19.69 8.31
CA VAL C 110 -22.45 18.30 8.47
C VAL C 110 -21.57 18.12 9.72
N THR C 111 -20.88 19.18 10.18
CA THR C 111 -20.03 19.06 11.37
C THR C 111 -20.83 19.24 12.66
N GLU C 112 -21.94 19.99 12.60
CA GLU C 112 -22.75 20.30 13.79
C GLU C 112 -24.05 19.51 13.93
N THR C 113 -24.63 19.03 12.81
CA THR C 113 -25.91 18.32 12.83
C THR C 113 -25.84 16.98 12.10
N CYS C 114 -26.96 16.24 12.10
CA CYS C 114 -27.06 14.96 11.39
C CYS C 114 -28.19 15.10 10.36
N MET C 115 -27.90 14.82 9.09
CA MET C 115 -28.86 14.90 7.98
C MET C 115 -29.48 13.53 7.70
N ASP C 116 -30.74 13.51 7.29
CA ASP C 116 -31.36 12.25 6.90
C ASP C 116 -31.30 12.17 5.36
N GLU C 117 -31.68 11.03 4.76
CA GLU C 117 -31.63 10.83 3.31
C GLU C 117 -32.38 11.88 2.48
N GLY C 118 -33.55 12.26 2.93
CA GLY C 118 -34.39 13.23 2.25
C GLY C 118 -33.76 14.61 2.21
N GLN C 119 -33.01 14.97 3.27
CA GLN C 119 -32.32 16.25 3.36
C GLN C 119 -31.06 16.22 2.49
N ILE C 120 -30.38 15.05 2.44
CA ILE C 120 -29.20 14.87 1.57
C ILE C 120 -29.63 15.01 0.10
N ALA C 121 -30.73 14.34 -0.26
CA ALA C 121 -31.30 14.38 -1.62
C ALA C 121 -31.66 15.80 -2.03
N ALA C 122 -32.23 16.60 -1.10
CA ALA C 122 -32.58 18.00 -1.38
C ALA C 122 -31.33 18.81 -1.74
N VAL C 123 -30.25 18.67 -0.94
CA VAL C 123 -28.99 19.35 -1.22
C VAL C 123 -28.36 18.88 -2.54
N CYS C 124 -28.34 17.55 -2.79
CA CYS C 124 -27.78 16.97 -4.02
C CYS C 124 -28.50 17.49 -5.24
N ARG C 125 -29.85 17.57 -5.18
CA ARG C 125 -30.65 18.07 -6.31
C ARG C 125 -30.25 19.52 -6.66
N GLU C 126 -30.15 20.40 -5.65
CA GLU C 126 -29.78 21.81 -5.87
C GLU C 126 -28.36 21.93 -6.46
N CYS C 127 -27.40 21.14 -5.96
N CYS C 127 -27.40 21.14 -5.94
CA CYS C 127 -26.03 21.10 -6.46
CA CYS C 127 -26.03 21.14 -6.46
C CYS C 127 -25.94 20.61 -7.90
C CYS C 127 -25.95 20.61 -7.90
N LEU C 128 -26.71 19.56 -8.22
CA LEU C 128 -26.76 18.99 -9.58
C LEU C 128 -27.37 19.96 -10.58
N GLN C 129 -28.34 20.78 -10.13
CA GLN C 129 -28.92 21.84 -10.97
C GLN C 129 -27.85 22.89 -11.30
N ALA C 130 -26.99 23.22 -10.31
CA ALA C 130 -25.89 24.17 -10.53
C ALA C 130 -24.86 23.55 -11.50
N LEU C 131 -24.56 22.25 -11.34
CA LEU C 131 -23.61 21.55 -12.21
C LEU C 131 -24.12 21.42 -13.63
N GLU C 132 -25.40 21.09 -13.79
CA GLU C 132 -26.01 21.00 -15.13
C GLU C 132 -25.83 22.33 -15.86
N PHE C 133 -26.09 23.45 -15.14
CA PHE C 133 -25.93 24.81 -15.66
C PHE C 133 -24.48 25.07 -16.06
N LEU C 134 -23.52 24.88 -15.14
CA LEU C 134 -22.09 25.10 -15.43
C LEU C 134 -21.59 24.25 -16.58
N HIS C 135 -21.91 22.93 -16.55
CA HIS C 135 -21.48 22.00 -17.61
C HIS C 135 -22.05 22.36 -18.97
N SER C 136 -23.30 22.89 -19.03
CA SER C 136 -23.92 23.31 -20.30
C SER C 136 -23.21 24.56 -20.84
N ASN C 137 -22.40 25.22 -20.00
CA ASN C 137 -21.61 26.39 -20.41
C ASN C 137 -20.13 26.02 -20.58
N GLN C 138 -19.83 24.71 -20.66
CA GLN C 138 -18.49 24.12 -20.82
C GLN C 138 -17.56 24.51 -19.67
N VAL C 139 -18.14 24.70 -18.48
CA VAL C 139 -17.37 25.05 -17.29
C VAL C 139 -17.31 23.80 -16.40
N ILE C 140 -16.09 23.42 -15.98
CA ILE C 140 -15.83 22.34 -15.04
C ILE C 140 -15.47 23.04 -13.73
N HIS C 141 -16.17 22.72 -12.64
CA HIS C 141 -15.95 23.35 -11.34
C HIS C 141 -14.60 22.97 -10.71
N ARG C 142 -14.34 21.63 -10.60
CA ARG C 142 -13.11 21.03 -10.06
C ARG C 142 -12.92 21.19 -8.55
N ASP C 143 -13.89 21.81 -7.84
CA ASP C 143 -13.75 21.97 -6.40
C ASP C 143 -15.10 21.79 -5.69
N ILE C 144 -15.89 20.78 -6.13
CA ILE C 144 -17.17 20.47 -5.50
C ILE C 144 -16.93 19.82 -4.15
N LYS C 145 -17.33 20.49 -3.07
CA LYS C 145 -17.16 20.05 -1.66
C LYS C 145 -18.03 20.93 -0.77
N SER C 146 -18.34 20.46 0.45
CA SER C 146 -19.26 21.14 1.39
C SER C 146 -18.89 22.59 1.68
N ASP C 147 -17.59 22.93 1.67
CA ASP C 147 -17.08 24.29 1.90
C ASP C 147 -17.59 25.29 0.83
N ASN C 148 -17.87 24.80 -0.39
CA ASN C 148 -18.34 25.61 -1.51
C ASN C 148 -19.85 25.58 -1.71
N ILE C 149 -20.57 25.10 -0.69
CA ILE C 149 -22.03 25.08 -0.72
C ILE C 149 -22.52 26.06 0.31
N LEU C 150 -23.06 27.20 -0.14
CA LEU C 150 -23.60 28.21 0.77
C LEU C 150 -25.09 27.96 0.94
N LEU C 151 -25.58 28.22 2.15
CA LEU C 151 -26.98 28.01 2.47
C LEU C 151 -27.59 29.28 3.00
N GLY C 152 -28.81 29.54 2.60
CA GLY C 152 -29.62 30.64 3.09
C GLY C 152 -30.41 30.11 4.27
N MET C 153 -30.95 31.01 5.08
CA MET C 153 -31.75 30.64 6.25
C MET C 153 -33.02 29.88 5.87
N ASP C 154 -33.56 30.15 4.67
CA ASP C 154 -34.77 29.50 4.10
C ASP C 154 -34.49 28.12 3.45
N GLY C 155 -33.25 27.64 3.55
CA GLY C 155 -32.86 26.37 2.95
C GLY C 155 -32.39 26.48 1.51
N SER C 156 -32.32 27.71 0.94
CA SER C 156 -31.83 27.88 -0.42
C SER C 156 -30.34 27.49 -0.51
N VAL C 157 -29.95 26.96 -1.67
CA VAL C 157 -28.60 26.42 -1.91
C VAL C 157 -27.92 27.10 -3.10
N LYS C 158 -26.68 27.59 -2.88
CA LYS C 158 -25.87 28.19 -3.94
C LYS C 158 -24.45 27.65 -3.89
N LEU C 159 -23.98 27.23 -5.05
CA LEU C 159 -22.62 26.77 -5.26
C LEU C 159 -21.69 27.99 -5.46
N THR C 160 -20.50 27.95 -4.83
CA THR C 160 -19.49 29.01 -4.96
C THR C 160 -18.21 28.40 -5.51
N ASP C 161 -17.25 29.24 -5.84
CA ASP C 161 -15.91 28.81 -6.24
C ASP C 161 -14.91 29.64 -5.40
N PHE C 162 -14.96 29.53 -4.06
CA PHE C 162 -14.12 30.36 -3.17
C PHE C 162 -12.68 29.83 -2.99
N GLY C 163 -12.38 28.70 -3.60
CA GLY C 163 -11.03 28.14 -3.62
C GLY C 163 -10.34 28.42 -4.95
N PHE C 164 -11.03 29.19 -5.85
CA PHE C 164 -10.57 29.60 -7.18
C PHE C 164 -10.15 28.40 -8.09
N CYS C 165 -11.06 27.42 -8.35
CA CYS C 165 -10.75 26.26 -9.21
C CYS C 165 -11.53 26.24 -10.52
N ALA C 166 -12.75 26.81 -10.53
CA ALA C 166 -13.55 26.85 -11.75
C ALA C 166 -12.96 27.91 -12.69
N GLN C 167 -12.44 29.00 -12.10
CA GLN C 167 -11.81 30.11 -12.83
C GLN C 167 -10.36 29.79 -13.19
N SER C 173 1.90 25.98 -9.41
CA SER C 173 3.08 25.11 -9.36
C SER C 173 2.78 23.76 -8.71
N LYS C 174 3.41 22.72 -9.25
CA LYS C 174 3.29 21.39 -8.67
C LYS C 174 4.16 21.26 -7.41
N ARG C 175 5.03 22.28 -7.14
CA ARG C 175 5.93 22.34 -5.98
C ARG C 175 5.26 22.95 -4.74
N SER C 176 4.00 23.37 -4.89
CA SER C 176 3.24 24.02 -3.83
C SER C 176 2.64 23.05 -2.84
N THR C 177 2.47 23.52 -1.60
CA THR C 177 1.84 22.81 -0.50
C THR C 177 0.45 22.44 -0.97
N MET C 178 0.06 21.20 -0.74
CA MET C 178 -1.19 20.72 -1.27
C MET C 178 -2.43 21.25 -0.53
N VAL C 179 -3.51 21.32 -1.29
CA VAL C 179 -4.86 21.70 -0.88
C VAL C 179 -5.66 20.45 -1.27
N GLY C 180 -6.69 20.11 -0.51
CA GLY C 180 -7.54 18.96 -0.80
C GLY C 180 -8.21 19.05 -2.16
N THR C 181 -8.19 17.95 -2.93
CA THR C 181 -8.82 17.85 -4.23
C THR C 181 -9.95 16.83 -4.05
N PRO C 182 -11.24 17.26 -4.22
CA PRO C 182 -12.36 16.35 -3.91
C PRO C 182 -12.48 15.10 -4.79
N TYR C 183 -11.89 15.11 -5.99
CA TYR C 183 -11.93 13.98 -6.89
C TYR C 183 -10.60 13.21 -6.89
N TRP C 184 -9.74 13.35 -5.83
CA TRP C 184 -8.44 12.67 -5.82
C TRP C 184 -8.51 11.11 -5.86
N MET C 185 -9.67 10.50 -5.50
CA MET C 185 -9.85 9.03 -5.54
C MET C 185 -10.55 8.56 -6.83
N ALA C 186 -10.87 9.52 -7.75
CA ALA C 186 -11.53 9.18 -9.02
C ALA C 186 -10.55 8.44 -9.93
N PRO C 187 -11.04 7.49 -10.76
CA PRO C 187 -10.12 6.73 -11.63
C PRO C 187 -9.30 7.62 -12.58
N GLU C 188 -9.85 8.75 -13.05
CA GLU C 188 -9.19 9.70 -13.98
C GLU C 188 -7.82 10.15 -13.45
N VAL C 189 -7.70 10.30 -12.14
CA VAL C 189 -6.46 10.73 -11.47
C VAL C 189 -5.32 9.72 -11.74
N VAL C 190 -5.57 8.42 -11.58
CA VAL C 190 -4.47 7.45 -11.82
C VAL C 190 -4.35 7.03 -13.25
N THR C 191 -5.46 6.96 -13.99
CA THR C 191 -5.39 6.53 -15.40
C THR C 191 -4.95 7.69 -16.32
N ARG C 192 -4.58 8.85 -15.72
CA ARG C 192 -4.10 10.09 -16.39
C ARG C 192 -5.04 10.58 -17.50
N LYS C 193 -6.34 10.41 -17.28
CA LYS C 193 -7.37 10.85 -18.20
C LYS C 193 -7.64 12.34 -17.91
N ALA C 194 -8.08 13.10 -18.94
CA ALA C 194 -8.40 14.52 -18.78
C ALA C 194 -9.47 14.71 -17.72
N TYR C 195 -9.39 15.78 -16.92
CA TYR C 195 -10.41 15.99 -15.90
C TYR C 195 -11.63 16.66 -16.51
N GLY C 196 -12.56 15.84 -17.01
CA GLY C 196 -13.76 16.37 -17.63
C GLY C 196 -14.84 16.70 -16.62
N PRO C 197 -16.04 17.07 -17.11
CA PRO C 197 -17.17 17.37 -16.18
C PRO C 197 -17.54 16.24 -15.22
N LYS C 198 -17.23 14.98 -15.57
CA LYS C 198 -17.53 13.83 -14.71
C LYS C 198 -16.77 13.89 -13.41
N VAL C 199 -15.67 14.65 -13.32
CA VAL C 199 -14.96 14.81 -12.04
C VAL C 199 -15.85 15.53 -11.02
N ASP C 200 -16.73 16.47 -11.48
CA ASP C 200 -17.64 17.18 -10.57
C ASP C 200 -18.72 16.26 -10.06
N ILE C 201 -19.15 15.28 -10.90
CA ILE C 201 -20.15 14.28 -10.50
C ILE C 201 -19.55 13.36 -9.43
N TRP C 202 -18.31 12.90 -9.65
CA TRP C 202 -17.60 12.09 -8.66
C TRP C 202 -17.52 12.87 -7.34
N SER C 203 -17.06 14.13 -7.38
CA SER C 203 -16.94 15.01 -6.21
C SER C 203 -18.28 15.19 -5.50
N LEU C 204 -19.37 15.25 -6.27
CA LEU C 204 -20.72 15.35 -5.67
C LEU C 204 -21.04 14.06 -4.90
N GLY C 205 -20.67 12.91 -5.46
CA GLY C 205 -20.87 11.62 -4.80
C GLY C 205 -20.10 11.58 -3.49
N ILE C 206 -18.86 12.11 -3.48
CA ILE C 206 -18.03 12.17 -2.25
C ILE C 206 -18.68 13.08 -1.22
N MET C 207 -19.18 14.23 -1.68
CA MET C 207 -19.83 15.19 -0.77
C MET C 207 -21.12 14.58 -0.17
N ALA C 208 -21.88 13.81 -0.96
CA ALA C 208 -23.08 13.11 -0.46
C ALA C 208 -22.69 12.12 0.65
N ILE C 209 -21.55 11.41 0.49
CA ILE C 209 -21.03 10.49 1.53
C ILE C 209 -20.66 11.26 2.80
N GLU C 210 -20.06 12.46 2.64
CA GLU C 210 -19.72 13.36 3.76
C GLU C 210 -20.98 13.83 4.54
N MET C 211 -22.14 13.85 3.89
CA MET C 211 -23.40 14.25 4.55
C MET C 211 -24.04 13.05 5.34
N ILE C 212 -23.57 11.82 5.09
CA ILE C 212 -24.17 10.63 5.73
C ILE C 212 -23.83 10.58 7.22
N GLU C 213 -24.83 10.42 8.10
CA GLU C 213 -24.54 10.31 9.54
C GLU C 213 -23.72 9.03 9.82
N GLY C 214 -22.61 9.19 10.53
CA GLY C 214 -21.79 8.05 10.93
C GLY C 214 -20.74 7.58 9.93
N GLU C 215 -20.73 8.12 8.70
CA GLU C 215 -19.71 7.72 7.73
C GLU C 215 -18.39 8.45 7.96
N PRO C 216 -17.28 7.70 8.01
CA PRO C 216 -15.97 8.36 8.11
C PRO C 216 -15.59 9.02 6.76
N PRO C 217 -14.51 9.84 6.68
CA PRO C 217 -14.07 10.32 5.35
C PRO C 217 -13.92 9.09 4.42
N TYR C 218 -14.34 9.23 3.15
CA TYR C 218 -14.39 8.11 2.21
C TYR C 218 -13.06 7.31 2.16
N LEU C 219 -13.17 5.97 2.42
CA LEU C 219 -12.06 4.99 2.46
C LEU C 219 -10.95 5.40 3.45
N ASN C 220 -11.34 6.15 4.51
CA ASN C 220 -10.43 6.73 5.52
C ASN C 220 -9.26 7.50 4.88
N GLU C 221 -9.47 8.12 3.70
CA GLU C 221 -8.50 8.94 2.97
C GLU C 221 -7.25 8.15 2.59
N ASN C 222 -7.40 6.83 2.44
CA ASN C 222 -6.31 5.94 2.07
C ASN C 222 -6.33 5.73 0.53
N PRO C 223 -5.35 6.31 -0.17
CA PRO C 223 -5.28 6.11 -1.64
C PRO C 223 -5.07 4.64 -2.05
N LEU C 224 -4.52 3.78 -1.16
CA LEU C 224 -4.38 2.35 -1.46
C LEU C 224 -5.74 1.66 -1.62
N ARG C 225 -6.71 2.06 -0.80
CA ARG C 225 -8.06 1.50 -0.90
C ARG C 225 -8.73 2.04 -2.15
N ALA C 226 -8.51 3.34 -2.47
CA ALA C 226 -9.06 3.92 -3.71
C ALA C 226 -8.48 3.20 -4.92
N LEU C 227 -7.17 2.90 -4.89
CA LEU C 227 -6.48 2.20 -5.97
C LEU C 227 -7.04 0.78 -6.17
N TYR C 228 -7.35 0.08 -5.07
CA TYR C 228 -7.92 -1.25 -5.16
C TYR C 228 -9.29 -1.23 -5.89
N LEU C 229 -10.14 -0.24 -5.56
CA LEU C 229 -11.45 -0.07 -6.19
C LEU C 229 -11.32 0.30 -7.65
N ILE C 230 -10.34 1.13 -7.99
CA ILE C 230 -10.09 1.46 -9.41
C ILE C 230 -9.67 0.20 -10.18
N ALA C 231 -8.70 -0.55 -9.63
CA ALA C 231 -8.24 -1.76 -10.31
C ALA C 231 -9.35 -2.82 -10.49
N THR C 232 -10.29 -2.93 -9.53
CA THR C 232 -11.33 -3.94 -9.60
C THR C 232 -12.63 -3.37 -10.20
N ASN C 233 -12.63 -2.11 -10.69
CA ASN C 233 -13.81 -1.39 -11.19
C ASN C 233 -14.94 -1.47 -10.16
N GLY C 234 -14.59 -1.27 -8.91
CA GLY C 234 -15.52 -1.45 -7.80
C GLY C 234 -16.56 -0.38 -7.59
N THR C 235 -17.68 -0.77 -6.96
CA THR C 235 -18.73 0.18 -6.59
C THR C 235 -18.22 0.80 -5.28
N PRO C 236 -18.66 2.02 -4.89
CA PRO C 236 -18.13 2.65 -3.68
C PRO C 236 -18.26 1.86 -2.40
N GLU C 237 -17.27 1.98 -1.52
CA GLU C 237 -17.23 1.23 -0.28
C GLU C 237 -17.44 2.13 0.93
N LEU C 238 -18.66 2.14 1.42
CA LEU C 238 -19.06 2.86 2.64
C LEU C 238 -18.80 1.97 3.85
N GLN C 239 -18.74 2.55 5.05
CA GLN C 239 -18.58 1.78 6.27
C GLN C 239 -19.88 1.05 6.65
N ASN C 240 -21.05 1.73 6.57
CA ASN C 240 -22.33 1.08 6.92
C ASN C 240 -23.36 1.21 5.79
N PRO C 241 -23.13 0.57 4.63
CA PRO C 241 -24.08 0.73 3.51
C PRO C 241 -25.48 0.17 3.78
N GLU C 242 -25.59 -0.84 4.65
CA GLU C 242 -26.85 -1.51 5.00
C GLU C 242 -27.87 -0.57 5.68
N LYS C 243 -27.42 0.57 6.21
CA LYS C 243 -28.29 1.58 6.85
C LYS C 243 -28.98 2.50 5.80
N LEU C 244 -28.58 2.39 4.53
CA LEU C 244 -29.10 3.24 3.46
C LEU C 244 -30.11 2.55 2.58
N SER C 245 -31.01 3.31 1.98
CA SER C 245 -32.00 2.74 1.06
C SER C 245 -31.27 2.26 -0.22
N ALA C 246 -31.89 1.32 -0.96
CA ALA C 246 -31.34 0.82 -2.23
C ALA C 246 -31.28 1.98 -3.25
N ILE C 247 -32.24 2.91 -3.19
CA ILE C 247 -32.35 4.11 -4.06
C ILE C 247 -31.13 5.04 -3.83
N PHE C 248 -30.78 5.31 -2.58
CA PHE C 248 -29.62 6.15 -2.27
C PHE C 248 -28.34 5.44 -2.69
N ARG C 249 -28.23 4.13 -2.40
CA ARG C 249 -27.03 3.36 -2.80
C ARG C 249 -26.86 3.35 -4.32
N ASP C 250 -27.96 3.26 -5.06
CA ASP C 250 -27.91 3.29 -6.53
C ASP C 250 -27.43 4.65 -7.00
N PHE C 251 -27.93 5.75 -6.37
CA PHE C 251 -27.51 7.12 -6.74
C PHE C 251 -26.00 7.27 -6.54
N LEU C 252 -25.47 6.77 -5.41
CA LEU C 252 -24.03 6.85 -5.11
C LEU C 252 -23.21 6.01 -6.09
N ASN C 253 -23.72 4.84 -6.48
CA ASN C 253 -23.03 3.99 -7.46
C ASN C 253 -22.92 4.74 -8.78
N ARG C 254 -23.96 5.50 -9.15
CA ARG C 254 -23.98 6.23 -10.42
C ARG C 254 -23.07 7.47 -10.40
N CYS C 255 -22.89 8.11 -9.21
CA CYS C 255 -21.97 9.26 -9.05
C CYS C 255 -20.53 8.79 -9.03
N LEU C 256 -20.29 7.61 -8.42
CA LEU C 256 -18.93 7.09 -8.21
C LEU C 256 -18.60 5.90 -9.10
N GLU C 257 -19.20 5.90 -10.29
CA GLU C 257 -19.00 4.91 -11.31
C GLU C 257 -17.56 5.03 -11.82
N MET C 258 -16.88 3.89 -11.86
CA MET C 258 -15.47 3.81 -12.31
C MET C 258 -15.37 4.03 -13.79
N ASP C 259 -16.41 3.63 -14.54
CA ASP C 259 -16.44 3.87 -16.00
C ASP C 259 -16.85 5.35 -16.17
N VAL C 260 -15.89 6.18 -16.59
CA VAL C 260 -16.09 7.64 -16.73
C VAL C 260 -17.29 7.98 -17.60
N GLU C 261 -17.37 7.34 -18.77
CA GLU C 261 -18.43 7.56 -19.74
C GLU C 261 -19.80 7.09 -19.20
N LYS C 262 -19.82 6.01 -18.41
CA LYS C 262 -21.07 5.49 -17.81
C LYS C 262 -21.55 6.33 -16.63
N ARG C 263 -20.62 6.96 -15.85
CA ARG C 263 -20.92 7.84 -14.70
C ARG C 263 -21.96 8.85 -15.15
N GLY C 264 -22.96 9.07 -14.31
CA GLY C 264 -24.08 9.94 -14.69
C GLY C 264 -23.66 11.36 -14.93
N SER C 265 -24.24 12.01 -15.94
CA SER C 265 -24.02 13.45 -16.16
C SER C 265 -24.99 14.13 -15.17
N ALA C 266 -24.84 15.43 -14.93
CA ALA C 266 -25.73 16.15 -14.01
C ALA C 266 -27.19 16.07 -14.49
N LYS C 267 -27.41 16.23 -15.80
CA LYS C 267 -28.76 16.15 -16.40
C LYS C 267 -29.39 14.78 -16.14
N GLU C 268 -28.63 13.68 -16.37
CA GLU C 268 -29.12 12.31 -16.16
C GLU C 268 -29.45 12.05 -14.68
N LEU C 269 -28.54 12.48 -13.76
CA LEU C 269 -28.74 12.26 -12.31
C LEU C 269 -29.88 13.04 -11.71
N LEU C 270 -30.25 14.17 -12.34
CA LEU C 270 -31.40 14.96 -11.88
C LEU C 270 -32.70 14.20 -12.06
N GLN C 271 -32.67 13.09 -12.86
CA GLN C 271 -33.84 12.23 -13.07
C GLN C 271 -33.86 11.03 -12.12
N HIS C 272 -32.82 10.86 -11.30
CA HIS C 272 -32.75 9.72 -10.39
C HIS C 272 -33.89 9.72 -9.33
N GLN C 273 -34.44 8.53 -9.02
CA GLN C 273 -35.50 8.36 -8.02
C GLN C 273 -35.09 8.94 -6.65
N PHE C 274 -33.78 8.88 -6.30
CA PHE C 274 -33.31 9.42 -5.00
C PHE C 274 -33.69 10.89 -4.85
N LEU C 275 -33.54 11.66 -5.94
CA LEU C 275 -33.86 13.10 -5.91
C LEU C 275 -35.34 13.38 -6.04
N LYS C 276 -36.09 12.49 -6.70
CA LYS C 276 -37.53 12.68 -6.88
C LYS C 276 -38.27 12.77 -5.53
N ILE C 277 -37.79 12.02 -4.55
CA ILE C 277 -38.40 11.96 -3.23
C ILE C 277 -37.70 12.88 -2.20
N ALA C 278 -36.78 13.78 -2.66
CA ALA C 278 -36.07 14.77 -1.83
C ALA C 278 -37.09 15.54 -0.97
N LYS C 279 -36.72 15.90 0.25
CA LYS C 279 -37.60 16.67 1.12
C LYS C 279 -37.58 18.15 0.68
N PRO C 280 -38.59 18.98 0.99
CA PRO C 280 -38.50 20.40 0.62
C PRO C 280 -37.30 21.07 1.28
N LEU C 281 -36.81 22.19 0.70
CA LEU C 281 -35.68 22.94 1.25
C LEU C 281 -35.93 23.48 2.65
N SER C 282 -37.20 23.70 3.02
CA SER C 282 -37.61 24.12 4.37
C SER C 282 -37.15 23.11 5.43
N SER C 283 -37.02 21.80 5.09
CA SER C 283 -36.52 20.76 5.99
C SER C 283 -35.06 21.00 6.45
N LEU C 284 -34.31 21.83 5.72
CA LEU C 284 -32.94 22.19 6.06
C LEU C 284 -32.82 23.33 7.08
N THR C 285 -33.84 24.21 7.17
CA THR C 285 -33.81 25.40 8.02
C THR C 285 -33.45 25.06 9.49
N PRO C 286 -33.99 23.99 10.16
CA PRO C 286 -33.56 23.72 11.54
C PRO C 286 -32.09 23.33 11.64
N LEU C 287 -31.55 22.65 10.61
CA LEU C 287 -30.12 22.27 10.58
C LEU C 287 -29.25 23.51 10.44
N ILE C 288 -29.65 24.42 9.53
CA ILE C 288 -28.93 25.70 9.25
C ILE C 288 -28.92 26.58 10.52
N ALA C 289 -30.07 26.67 11.21
CA ALA C 289 -30.21 27.45 12.45
C ALA C 289 -29.35 26.88 13.58
N ALA C 290 -29.37 25.54 13.77
CA ALA C 290 -28.56 24.87 14.79
C ALA C 290 -27.06 24.97 14.52
N ALA C 291 -26.63 24.83 13.25
CA ALA C 291 -25.20 24.90 12.88
C ALA C 291 -24.66 26.33 13.07
N LYS C 292 -25.48 27.36 12.78
CA LYS C 292 -25.12 28.77 12.93
C LYS C 292 -24.90 29.11 14.42
N GLU C 293 -25.85 28.66 15.27
CA GLU C 293 -25.80 28.86 16.72
C GLU C 293 -24.55 28.17 17.31
N ALA C 294 -24.26 26.92 16.85
CA ALA C 294 -23.12 26.13 17.29
C ALA C 294 -21.77 26.72 16.86
N THR C 295 -21.67 27.21 15.59
CA THR C 295 -20.44 27.83 15.07
C THR C 295 -20.39 29.28 15.53
N ILE D 7 -15.81 -48.58 -10.65
CA ILE D 7 -14.90 -47.49 -10.97
C ILE D 7 -13.47 -47.88 -10.62
N LEU D 8 -13.29 -48.47 -9.43
CA LEU D 8 -11.99 -48.96 -8.94
C LEU D 8 -11.46 -50.10 -9.82
N GLU D 9 -12.38 -50.90 -10.40
CA GLU D 9 -12.05 -52.02 -11.29
C GLU D 9 -11.51 -51.50 -12.63
N LYS D 10 -12.11 -50.40 -13.15
CA LYS D 10 -11.67 -49.75 -14.40
C LYS D 10 -10.27 -49.16 -14.24
N LEU D 11 -9.98 -48.54 -13.08
CA LEU D 11 -8.68 -47.96 -12.77
C LEU D 11 -7.59 -49.03 -12.77
N ARG D 12 -7.89 -50.18 -12.16
CA ARG D 12 -7.05 -51.36 -12.08
C ARG D 12 -6.76 -51.90 -13.52
N SER D 13 -7.75 -51.83 -14.43
CA SER D 13 -7.61 -52.30 -15.81
C SER D 13 -6.73 -51.40 -16.69
N ILE D 14 -6.64 -50.11 -16.36
CA ILE D 14 -5.88 -49.11 -17.13
C ILE D 14 -4.39 -49.07 -16.69
N VAL D 15 -4.13 -49.16 -15.39
CA VAL D 15 -2.78 -49.13 -14.84
C VAL D 15 -2.05 -50.44 -15.18
N SER D 16 -0.72 -50.45 -15.13
CA SER D 16 0.04 -51.68 -15.38
C SER D 16 0.12 -52.53 -14.12
N VAL D 17 0.31 -53.86 -14.28
CA VAL D 17 0.44 -54.82 -13.18
C VAL D 17 1.84 -54.67 -12.53
N GLY D 18 1.88 -54.68 -11.21
CA GLY D 18 3.15 -54.59 -10.51
C GLY D 18 3.26 -53.56 -9.40
N ASP D 19 4.38 -53.66 -8.69
CA ASP D 19 4.80 -52.79 -7.60
C ASP D 19 6.03 -52.03 -8.13
N PRO D 20 6.00 -50.68 -8.21
CA PRO D 20 7.18 -49.95 -8.71
C PRO D 20 8.38 -50.03 -7.77
N LYS D 21 8.14 -50.32 -6.45
CA LYS D 21 9.21 -50.49 -5.45
C LYS D 21 10.10 -51.69 -5.79
N LYS D 22 9.62 -52.57 -6.70
CA LYS D 22 10.33 -53.75 -7.22
C LYS D 22 10.79 -53.54 -8.68
N LYS D 23 9.97 -52.87 -9.51
CA LYS D 23 10.28 -52.58 -10.92
C LYS D 23 11.31 -51.43 -11.13
N TYR D 24 11.44 -50.59 -10.11
CA TYR D 24 12.34 -49.45 -10.11
C TYR D 24 13.24 -49.51 -8.88
N THR D 25 14.41 -48.90 -8.95
CA THR D 25 15.37 -48.87 -7.86
C THR D 25 16.05 -47.51 -7.79
N ARG D 26 16.93 -47.32 -6.79
CA ARG D 26 17.68 -46.08 -6.58
C ARG D 26 16.74 -44.87 -6.53
N PHE D 27 15.69 -45.01 -5.70
CA PHE D 27 14.70 -43.97 -5.49
C PHE D 27 15.33 -42.82 -4.73
N GLU D 28 15.12 -41.61 -5.21
CA GLU D 28 15.62 -40.40 -4.58
C GLU D 28 14.50 -39.38 -4.59
N LYS D 29 14.01 -38.99 -3.40
CA LYS D 29 12.96 -38.00 -3.27
C LYS D 29 13.47 -36.66 -3.74
N ILE D 30 12.80 -36.09 -4.75
CA ILE D 30 13.23 -34.81 -5.34
C ILE D 30 12.23 -33.69 -5.09
N GLY D 31 11.04 -34.05 -4.63
CA GLY D 31 9.99 -33.09 -4.39
C GLY D 31 8.79 -33.67 -3.67
N GLN D 32 8.02 -32.77 -3.06
CA GLN D 32 6.84 -33.13 -2.29
C GLN D 32 5.89 -31.94 -2.26
N GLY D 33 4.60 -32.23 -2.24
CA GLY D 33 3.55 -31.22 -2.13
C GLY D 33 2.39 -31.79 -1.35
N ALA D 34 1.31 -31.03 -1.17
CA ALA D 34 0.12 -31.50 -0.45
C ALA D 34 -0.53 -32.72 -1.13
N SER D 35 -0.42 -32.79 -2.47
CA SER D 35 -1.01 -33.79 -3.35
C SER D 35 -0.20 -35.08 -3.50
N GLY D 36 1.10 -35.06 -3.23
CA GLY D 36 1.93 -36.24 -3.40
C GLY D 36 3.43 -36.00 -3.32
N THR D 37 4.22 -37.04 -3.67
CA THR D 37 5.68 -37.02 -3.64
C THR D 37 6.23 -37.38 -5.01
N VAL D 38 7.37 -36.75 -5.39
CA VAL D 38 8.07 -37.00 -6.64
C VAL D 38 9.44 -37.57 -6.33
N TYR D 39 9.79 -38.65 -7.03
CA TYR D 39 11.08 -39.31 -6.92
C TYR D 39 11.73 -39.41 -8.27
N THR D 40 13.05 -39.54 -8.29
CA THR D 40 13.76 -39.94 -9.49
C THR D 40 14.07 -41.40 -9.20
N ALA D 41 14.10 -42.24 -10.23
CA ALA D 41 14.39 -43.66 -10.06
C ALA D 41 15.00 -44.23 -11.30
N MET D 42 15.51 -45.46 -11.17
CA MET D 42 16.16 -46.21 -12.22
C MET D 42 15.29 -47.42 -12.58
N ASP D 43 14.93 -47.57 -13.86
CA ASP D 43 14.17 -48.75 -14.31
C ASP D 43 15.12 -49.95 -14.21
N VAL D 44 14.74 -50.96 -13.41
CA VAL D 44 15.56 -52.16 -13.14
C VAL D 44 15.96 -52.90 -14.41
N ALA D 45 15.00 -53.12 -15.31
CA ALA D 45 15.26 -53.86 -16.55
C ALA D 45 16.02 -53.10 -17.64
N THR D 46 15.72 -51.80 -17.84
CA THR D 46 16.31 -51.00 -18.93
C THR D 46 17.47 -50.07 -18.54
N GLY D 47 17.54 -49.68 -17.26
CA GLY D 47 18.55 -48.75 -16.76
C GLY D 47 18.24 -47.28 -17.00
N GLN D 48 17.10 -46.99 -17.65
CA GLN D 48 16.64 -45.63 -17.96
C GLN D 48 16.25 -44.90 -16.68
N GLU D 49 16.70 -43.62 -16.53
CA GLU D 49 16.33 -42.79 -15.38
C GLU D 49 14.96 -42.16 -15.64
N VAL D 50 14.05 -42.29 -14.67
CA VAL D 50 12.68 -41.79 -14.80
C VAL D 50 12.31 -40.93 -13.59
N ALA D 51 11.15 -40.27 -13.66
CA ALA D 51 10.57 -39.54 -12.55
C ALA D 51 9.29 -40.30 -12.21
N ILE D 52 9.00 -40.45 -10.91
CA ILE D 52 7.81 -41.18 -10.46
C ILE D 52 7.07 -40.36 -9.41
N LYS D 53 5.78 -40.11 -9.66
CA LYS D 53 4.87 -39.40 -8.75
C LYS D 53 4.06 -40.43 -7.99
N GLN D 54 4.01 -40.30 -6.65
CA GLN D 54 3.23 -41.17 -5.79
C GLN D 54 2.12 -40.34 -5.18
N MET D 55 0.85 -40.75 -5.43
CA MET D 55 -0.32 -40.03 -4.93
C MET D 55 -1.27 -40.97 -4.22
N ASN D 56 -1.75 -40.57 -3.02
CA ASN D 56 -2.72 -41.36 -2.26
C ASN D 56 -4.12 -41.09 -2.80
N LYS D 62 -13.63 -38.81 -6.43
CA LYS D 62 -13.91 -39.03 -7.83
C LYS D 62 -12.74 -39.73 -8.55
N LYS D 63 -12.76 -41.07 -8.53
CA LYS D 63 -11.74 -41.92 -9.16
C LYS D 63 -11.85 -41.91 -10.69
N GLU D 64 -13.04 -41.52 -11.23
CA GLU D 64 -13.29 -41.41 -12.67
C GLU D 64 -12.47 -40.27 -13.31
N LEU D 65 -12.12 -39.25 -12.51
CA LEU D 65 -11.29 -38.12 -12.95
C LEU D 65 -9.84 -38.60 -13.09
N ILE D 66 -9.41 -39.53 -12.21
CA ILE D 66 -8.08 -40.13 -12.24
C ILE D 66 -7.94 -40.99 -13.50
N ILE D 67 -8.99 -41.79 -13.80
CA ILE D 67 -9.05 -42.62 -15.02
C ILE D 67 -8.87 -41.74 -16.29
N ASN D 68 -9.62 -40.63 -16.38
N ASN D 68 -9.62 -40.63 -16.38
CA ASN D 68 -9.56 -39.70 -17.53
CA ASN D 68 -9.55 -39.71 -17.52
C ASN D 68 -8.20 -39.02 -17.64
C ASN D 68 -8.21 -39.01 -17.63
N GLU D 69 -7.57 -38.71 -16.49
CA GLU D 69 -6.24 -38.08 -16.42
C GLU D 69 -5.19 -39.02 -16.98
N ILE D 70 -5.20 -40.32 -16.60
CA ILE D 70 -4.23 -41.29 -17.13
C ILE D 70 -4.42 -41.46 -18.64
N LEU D 71 -5.68 -41.57 -19.10
CA LEU D 71 -5.99 -41.70 -20.54
C LEU D 71 -5.50 -40.50 -21.36
N VAL D 72 -5.75 -39.29 -20.89
CA VAL D 72 -5.26 -38.07 -21.57
C VAL D 72 -3.71 -38.08 -21.68
N MET D 73 -3.01 -38.33 -20.56
CA MET D 73 -1.55 -38.36 -20.49
C MET D 73 -0.96 -39.42 -21.41
N ARG D 74 -1.57 -40.62 -21.39
CA ARG D 74 -1.14 -41.80 -22.15
C ARG D 74 -1.35 -41.58 -23.67
N GLU D 75 -2.43 -40.91 -24.06
CA GLU D 75 -2.80 -40.71 -25.47
C GLU D 75 -2.23 -39.47 -26.13
N ASN D 76 -1.68 -38.54 -25.33
CA ASN D 76 -1.12 -37.30 -25.89
C ASN D 76 0.30 -37.07 -25.44
N LYS D 77 1.23 -37.08 -26.40
CA LYS D 77 2.66 -36.92 -26.16
C LYS D 77 3.20 -35.71 -26.88
N ASN D 78 4.25 -35.12 -26.33
CA ASN D 78 4.91 -33.99 -26.93
C ASN D 78 6.37 -33.93 -26.47
N PRO D 79 7.33 -33.57 -27.35
CA PRO D 79 8.75 -33.52 -26.93
C PRO D 79 9.10 -32.53 -25.81
N ASN D 80 8.32 -31.45 -25.62
CA ASN D 80 8.66 -30.42 -24.63
C ASN D 80 8.00 -30.56 -23.27
N ILE D 81 7.47 -31.76 -22.97
CA ILE D 81 6.98 -32.07 -21.63
C ILE D 81 7.61 -33.38 -21.21
N VAL D 82 7.61 -33.68 -19.89
CA VAL D 82 8.00 -35.01 -19.41
C VAL D 82 6.77 -35.86 -19.68
N ASN D 83 6.90 -36.82 -20.58
CA ASN D 83 5.75 -37.63 -20.96
C ASN D 83 5.47 -38.76 -20.00
N TYR D 84 4.20 -39.18 -19.98
CA TYR D 84 3.72 -40.34 -19.25
C TYR D 84 4.41 -41.57 -19.87
N LEU D 85 4.89 -42.49 -19.04
CA LEU D 85 5.53 -43.72 -19.49
C LEU D 85 4.72 -44.92 -19.01
N ASP D 86 4.21 -44.87 -17.75
CA ASP D 86 3.46 -45.96 -17.16
C ASP D 86 2.80 -45.55 -15.85
N SER D 87 1.95 -46.42 -15.31
CA SER D 87 1.28 -46.19 -14.03
C SER D 87 1.05 -47.51 -13.32
N TYR D 88 0.96 -47.48 -11.97
CA TYR D 88 0.75 -48.66 -11.12
C TYR D 88 -0.14 -48.26 -9.95
N LEU D 89 -0.77 -49.25 -9.30
CA LEU D 89 -1.62 -49.08 -8.12
C LEU D 89 -1.08 -50.00 -7.03
N VAL D 90 -0.62 -49.41 -5.91
CA VAL D 90 -0.06 -50.16 -4.77
C VAL D 90 -0.98 -49.81 -3.60
N GLY D 91 -1.95 -50.67 -3.31
CA GLY D 91 -2.95 -50.41 -2.29
C GLY D 91 -3.76 -49.19 -2.66
N ASP D 92 -3.70 -48.13 -1.83
CA ASP D 92 -4.40 -46.85 -2.07
C ASP D 92 -3.49 -45.82 -2.75
N GLU D 93 -2.25 -46.21 -3.12
CA GLU D 93 -1.27 -45.32 -3.74
C GLU D 93 -1.12 -45.51 -5.27
N LEU D 94 -1.45 -44.46 -6.06
CA LEU D 94 -1.27 -44.44 -7.51
C LEU D 94 0.12 -43.89 -7.79
N TRP D 95 0.90 -44.62 -8.60
CA TRP D 95 2.26 -44.24 -8.98
C TRP D 95 2.26 -43.99 -10.48
N VAL D 96 2.73 -42.81 -10.90
CA VAL D 96 2.78 -42.45 -12.31
C VAL D 96 4.24 -42.26 -12.69
N VAL D 97 4.71 -43.06 -13.65
CA VAL D 97 6.09 -43.02 -14.17
C VAL D 97 6.13 -42.09 -15.37
N MET D 98 7.10 -41.21 -15.40
CA MET D 98 7.27 -40.26 -16.48
C MET D 98 8.74 -40.05 -16.85
N GLU D 99 8.97 -39.37 -17.98
CA GLU D 99 10.32 -39.04 -18.45
C GLU D 99 11.02 -38.12 -17.44
N TYR D 100 12.34 -38.09 -17.53
CA TYR D 100 13.16 -37.24 -16.68
C TYR D 100 14.38 -36.77 -17.47
N LEU D 101 14.88 -35.55 -17.20
CA LEU D 101 16.08 -34.99 -17.81
C LEU D 101 17.02 -34.70 -16.64
N ALA D 102 18.26 -35.19 -16.70
CA ALA D 102 19.21 -35.08 -15.58
C ALA D 102 20.25 -33.92 -15.69
N GLY D 103 20.09 -33.04 -16.66
CA GLY D 103 21.00 -31.90 -16.84
C GLY D 103 20.91 -30.87 -15.73
N GLY D 104 19.70 -30.72 -15.20
CA GLY D 104 19.37 -29.80 -14.12
C GLY D 104 18.06 -29.05 -14.37
N SER D 105 17.79 -28.00 -13.59
CA SER D 105 16.59 -27.18 -13.78
C SER D 105 16.98 -25.81 -14.28
N LEU D 106 16.00 -25.04 -14.80
CA LEU D 106 16.27 -23.65 -15.21
C LEU D 106 16.66 -22.82 -13.96
N THR D 107 16.14 -23.19 -12.77
CA THR D 107 16.49 -22.52 -11.51
C THR D 107 18.00 -22.58 -11.29
N ASP D 108 18.61 -23.76 -11.46
CA ASP D 108 20.07 -23.95 -11.33
C ASP D 108 20.83 -23.02 -12.28
N VAL D 109 20.39 -22.95 -13.54
CA VAL D 109 21.00 -22.09 -14.58
C VAL D 109 20.94 -20.59 -14.22
N VAL D 110 19.75 -20.08 -13.83
CA VAL D 110 19.59 -18.65 -13.53
C VAL D 110 20.28 -18.25 -12.20
N THR D 111 20.44 -19.20 -11.27
CA THR D 111 21.09 -18.86 -9.98
C THR D 111 22.61 -18.94 -10.09
N GLU D 112 23.13 -19.78 -11.00
CA GLU D 112 24.57 -19.99 -11.13
C GLU D 112 25.24 -19.30 -12.32
N THR D 113 24.47 -19.01 -13.40
CA THR D 113 25.04 -18.40 -14.62
C THR D 113 24.29 -17.15 -15.05
N CYS D 114 24.75 -16.51 -16.13
CA CYS D 114 24.11 -15.35 -16.73
C CYS D 114 23.72 -15.71 -18.17
N MET D 115 22.46 -15.54 -18.53
CA MET D 115 21.94 -15.87 -19.87
C MET D 115 21.87 -14.60 -20.72
N ASP D 116 22.11 -14.73 -22.03
CA ASP D 116 21.96 -13.60 -22.93
C ASP D 116 20.57 -13.70 -23.58
N GLU D 117 20.14 -12.68 -24.34
CA GLU D 117 18.82 -12.67 -24.98
C GLU D 117 18.50 -13.87 -25.86
N GLY D 118 19.47 -14.29 -26.65
CA GLY D 118 19.32 -15.42 -27.56
C GLY D 118 19.09 -16.73 -26.83
N GLN D 119 19.70 -16.87 -25.64
CA GLN D 119 19.56 -18.09 -24.82
C GLN D 119 18.21 -18.05 -24.10
N ILE D 120 17.77 -16.84 -23.69
CA ILE D 120 16.47 -16.67 -23.04
C ILE D 120 15.37 -17.03 -24.07
N ALA D 121 15.50 -16.52 -25.30
CA ALA D 121 14.56 -16.78 -26.42
C ALA D 121 14.47 -18.27 -26.71
N ALA D 122 15.62 -18.99 -26.69
CA ALA D 122 15.64 -20.45 -26.93
C ALA D 122 14.81 -21.18 -25.88
N VAL D 123 15.01 -20.85 -24.58
CA VAL D 123 14.23 -21.46 -23.50
C VAL D 123 12.73 -21.10 -23.60
N CYS D 124 12.41 -19.82 -23.85
CA CYS D 124 11.01 -19.35 -24.00
C CYS D 124 10.30 -20.09 -25.13
N ARG D 125 10.99 -20.27 -26.27
CA ARG D 125 10.40 -20.98 -27.41
C ARG D 125 10.02 -22.42 -27.03
N GLU D 126 10.92 -23.16 -26.36
CA GLU D 126 10.66 -24.55 -25.96
C GLU D 126 9.48 -24.62 -24.95
N CYS D 127 9.43 -23.67 -23.99
CA CYS D 127 8.34 -23.61 -23.00
CA CYS D 127 8.34 -23.63 -23.00
C CYS D 127 7.00 -23.28 -23.65
N LEU D 128 7.00 -22.36 -24.62
CA LEU D 128 5.78 -21.97 -25.36
C LEU D 128 5.27 -23.11 -26.21
N GLN D 129 6.18 -23.96 -26.73
CA GLN D 129 5.79 -25.15 -27.51
C GLN D 129 5.06 -26.14 -26.58
N ALA D 130 5.56 -26.29 -25.34
CA ALA D 130 4.91 -27.14 -24.36
C ALA D 130 3.52 -26.57 -23.99
N LEU D 131 3.41 -25.23 -23.83
CA LEU D 131 2.16 -24.57 -23.49
C LEU D 131 1.15 -24.66 -24.61
N GLU D 132 1.60 -24.47 -25.86
CA GLU D 132 0.72 -24.59 -27.02
C GLU D 132 0.09 -25.99 -27.00
N PHE D 133 0.91 -27.03 -26.74
CA PHE D 133 0.46 -28.43 -26.67
C PHE D 133 -0.58 -28.61 -25.56
N LEU D 134 -0.23 -28.22 -24.32
CA LEU D 134 -1.15 -28.36 -23.18
C LEU D 134 -2.45 -27.58 -23.39
N HIS D 135 -2.36 -26.32 -23.83
CA HIS D 135 -3.56 -25.49 -24.06
C HIS D 135 -4.46 -26.05 -25.14
N SER D 136 -3.87 -26.69 -26.19
CA SER D 136 -4.66 -27.33 -27.29
C SER D 136 -5.39 -28.57 -26.74
N ASN D 137 -4.99 -29.06 -25.55
CA ASN D 137 -5.65 -30.19 -24.89
C ASN D 137 -6.54 -29.73 -23.73
N GLN D 138 -6.83 -28.40 -23.67
CA GLN D 138 -7.67 -27.73 -22.64
C GLN D 138 -7.05 -27.88 -21.25
N VAL D 139 -5.72 -27.95 -21.17
CA VAL D 139 -5.01 -28.09 -19.90
C VAL D 139 -4.34 -26.74 -19.61
N ILE D 140 -4.56 -26.21 -18.40
CA ILE D 140 -3.92 -25.00 -17.89
C ILE D 140 -2.89 -25.48 -16.89
N HIS D 141 -1.62 -25.07 -17.06
CA HIS D 141 -0.54 -25.54 -16.18
C HIS D 141 -0.65 -24.97 -14.77
N ARG D 142 -0.76 -23.61 -14.66
CA ARG D 142 -0.91 -22.84 -13.41
C ARG D 142 0.32 -22.84 -12.52
N ASP D 143 1.44 -23.43 -12.96
CA ASP D 143 2.67 -23.39 -12.15
C ASP D 143 3.92 -23.24 -13.03
N ILE D 144 3.83 -22.37 -14.05
CA ILE D 144 4.97 -22.08 -14.95
C ILE D 144 5.99 -21.25 -14.19
N LYS D 145 7.19 -21.81 -13.98
CA LYS D 145 8.31 -21.19 -13.22
C LYS D 145 9.56 -22.00 -13.47
N SER D 146 10.76 -21.42 -13.23
CA SER D 146 12.06 -22.04 -13.53
C SER D 146 12.26 -23.42 -12.89
N ASP D 147 11.65 -23.67 -11.71
CA ASP D 147 11.71 -24.95 -10.99
C ASP D 147 11.08 -26.10 -11.78
N ASN D 148 10.12 -25.79 -12.65
CA ASN D 148 9.41 -26.79 -13.44
C ASN D 148 9.96 -26.92 -14.85
N ILE D 149 11.13 -26.35 -15.09
CA ILE D 149 11.75 -26.42 -16.41
C ILE D 149 12.97 -27.30 -16.24
N LEU D 150 12.88 -28.53 -16.76
CA LEU D 150 14.00 -29.48 -16.70
C LEU D 150 14.82 -29.38 -17.96
N LEU D 151 16.14 -29.51 -17.82
CA LEU D 151 17.08 -29.40 -18.93
C LEU D 151 17.93 -30.64 -19.11
N GLY D 152 18.22 -30.99 -20.36
CA GLY D 152 19.11 -32.10 -20.71
C GLY D 152 20.49 -31.53 -20.95
N MET D 153 21.52 -32.36 -20.87
CA MET D 153 22.90 -31.92 -21.12
C MET D 153 23.08 -31.29 -22.51
N ASP D 154 22.29 -31.76 -23.49
CA ASP D 154 22.29 -31.29 -24.88
C ASP D 154 21.48 -30.00 -25.12
N GLY D 155 20.95 -29.40 -24.06
CA GLY D 155 20.15 -28.19 -24.15
C GLY D 155 18.67 -28.44 -24.36
N SER D 156 18.24 -29.72 -24.39
CA SER D 156 16.81 -30.04 -24.53
C SER D 156 16.01 -29.55 -23.32
N VAL D 157 14.77 -29.15 -23.55
CA VAL D 157 13.91 -28.55 -22.53
C VAL D 157 12.59 -29.32 -22.40
N LYS D 158 12.23 -29.67 -21.16
CA LYS D 158 10.95 -30.33 -20.85
C LYS D 158 10.29 -29.63 -19.68
N LEU D 159 9.01 -29.36 -19.83
CA LEU D 159 8.17 -28.79 -18.79
C LEU D 159 7.65 -29.93 -17.90
N THR D 160 7.63 -29.71 -16.57
CA THR D 160 7.12 -30.69 -15.60
C THR D 160 6.01 -30.01 -14.78
N ASP D 161 5.33 -30.79 -13.96
CA ASP D 161 4.35 -30.27 -13.02
C ASP D 161 4.65 -30.96 -11.69
N PHE D 162 5.85 -30.73 -11.14
CA PHE D 162 6.26 -31.42 -9.90
C PHE D 162 5.64 -30.83 -8.62
N GLY D 163 4.86 -29.77 -8.77
CA GLY D 163 4.10 -29.16 -7.68
C GLY D 163 2.64 -29.58 -7.71
N PHE D 164 2.26 -30.47 -8.68
CA PHE D 164 0.92 -31.05 -8.88
C PHE D 164 -0.18 -30.00 -9.10
N ALA D 166 -1.55 -28.38 -14.43
CA ALA D 166 -1.71 -28.97 -13.11
C ALA D 166 -2.64 -30.17 -13.20
N GLN D 167 -2.25 -31.26 -12.52
CA GLN D 167 -2.99 -32.52 -12.47
C GLN D 167 -4.25 -32.39 -11.62
N ILE D 168 -5.15 -33.39 -11.71
CA ILE D 168 -6.37 -33.44 -10.89
C ILE D 168 -5.92 -33.74 -9.46
N THR D 169 -6.23 -32.82 -8.52
CA THR D 169 -5.85 -32.94 -7.11
C THR D 169 -7.05 -32.83 -6.18
N SER D 173 -8.29 -25.82 2.57
CA SER D 173 -7.34 -25.63 1.47
C SER D 173 -7.03 -24.15 1.21
N LYS D 174 -8.00 -23.25 1.48
CA LYS D 174 -7.85 -21.80 1.49
C LYS D 174 -7.03 -21.49 2.77
N ARG D 175 -7.13 -22.38 3.78
CA ARG D 175 -6.53 -22.28 5.11
C ARG D 175 -5.08 -22.81 5.19
N SER D 176 -4.61 -23.39 4.10
CA SER D 176 -3.29 -23.98 4.09
C SER D 176 -2.17 -22.97 3.86
N THR D 177 -0.98 -23.29 4.35
CA THR D 177 0.23 -22.52 4.16
C THR D 177 0.45 -22.35 2.68
N MET D 178 0.74 -21.12 2.30
CA MET D 178 0.94 -20.64 0.96
C MET D 178 2.16 -21.24 0.25
N VAL D 179 1.99 -21.54 -1.03
CA VAL D 179 3.08 -21.95 -1.93
C VAL D 179 3.10 -20.81 -2.95
N GLY D 180 4.23 -20.52 -3.55
CA GLY D 180 4.33 -19.43 -4.52
C GLY D 180 3.45 -19.66 -5.75
N THR D 181 2.76 -18.62 -6.21
CA THR D 181 1.92 -18.68 -7.41
C THR D 181 2.57 -17.73 -8.42
N PRO D 182 3.08 -18.25 -9.56
CA PRO D 182 3.81 -17.38 -10.51
C PRO D 182 3.00 -16.27 -11.17
N TYR D 183 1.66 -16.39 -11.21
CA TYR D 183 0.81 -15.36 -11.81
C TYR D 183 0.11 -14.51 -10.75
N TRP D 184 0.66 -14.43 -9.52
CA TRP D 184 -0.01 -13.66 -8.46
C TRP D 184 -0.10 -12.12 -8.75
N MET D 185 0.69 -11.58 -9.71
CA MET D 185 0.66 -10.13 -10.07
C MET D 185 -0.17 -9.90 -11.34
N ALA D 186 -0.73 -11.00 -11.92
CA ALA D 186 -1.59 -10.92 -13.09
C ALA D 186 -2.90 -10.23 -12.75
N PRO D 187 -3.47 -9.40 -13.67
CA PRO D 187 -4.71 -8.67 -13.36
C PRO D 187 -5.87 -9.59 -13.00
N GLU D 188 -5.93 -10.81 -13.59
CA GLU D 188 -7.06 -11.73 -13.36
C GLU D 188 -7.14 -12.17 -11.88
N VAL D 189 -6.06 -12.02 -11.11
CA VAL D 189 -6.05 -12.31 -9.67
C VAL D 189 -6.93 -11.25 -8.93
N VAL D 190 -6.75 -9.95 -9.21
CA VAL D 190 -7.52 -8.92 -8.48
C VAL D 190 -8.90 -8.70 -9.05
N THR D 191 -9.05 -8.83 -10.37
CA THR D 191 -10.35 -8.58 -10.99
C THR D 191 -11.28 -9.80 -10.85
N ARG D 192 -10.80 -10.83 -10.11
CA ARG D 192 -11.46 -12.11 -9.84
C ARG D 192 -12.01 -12.76 -11.12
N LYS D 193 -11.21 -12.68 -12.18
CA LYS D 193 -11.53 -13.28 -13.46
C LYS D 193 -11.03 -14.73 -13.36
N ALA D 194 -11.81 -15.69 -13.88
CA ALA D 194 -11.43 -17.12 -13.87
C ALA D 194 -10.05 -17.27 -14.48
N TYR D 195 -9.24 -18.20 -13.97
CA TYR D 195 -7.92 -18.36 -14.56
C TYR D 195 -8.01 -19.24 -15.79
N GLY D 196 -7.47 -18.74 -16.88
CA GLY D 196 -7.47 -19.46 -18.15
C GLY D 196 -6.07 -19.69 -18.65
N PRO D 197 -5.93 -20.13 -19.93
CA PRO D 197 -4.58 -20.38 -20.50
C PRO D 197 -3.64 -19.17 -20.43
N LYS D 198 -4.19 -17.93 -20.42
CA LYS D 198 -3.39 -16.71 -20.41
C LYS D 198 -2.61 -16.52 -19.12
N VAL D 199 -3.00 -17.20 -18.01
CA VAL D 199 -2.21 -17.12 -16.78
C VAL D 199 -0.83 -17.78 -16.97
N ASP D 200 -0.76 -18.80 -17.83
CA ASP D 200 0.51 -19.49 -18.14
C ASP D 200 1.41 -18.59 -18.98
N ILE D 201 0.82 -17.78 -19.86
CA ILE D 201 1.57 -16.81 -20.69
C ILE D 201 2.16 -15.72 -19.80
N TRP D 202 1.35 -15.20 -18.87
CA TRP D 202 1.82 -14.20 -17.89
C TRP D 202 2.99 -14.80 -17.11
N SER D 203 2.82 -16.01 -16.56
CA SER D 203 3.86 -16.72 -15.79
C SER D 203 5.12 -16.92 -16.63
N LEU D 204 4.98 -17.17 -17.93
CA LEU D 204 6.16 -17.33 -18.79
C LEU D 204 6.90 -15.97 -18.91
N GLY D 205 6.15 -14.88 -19.01
CA GLY D 205 6.72 -13.53 -19.04
C GLY D 205 7.51 -13.26 -17.77
N ILE D 206 6.96 -13.68 -16.60
CA ILE D 206 7.65 -13.51 -15.30
C ILE D 206 8.93 -14.33 -15.27
N MET D 207 8.88 -15.56 -15.81
CA MET D 207 10.04 -16.45 -15.86
C MET D 207 11.12 -15.86 -16.77
N ALA D 208 10.72 -15.23 -17.91
CA ALA D 208 11.68 -14.56 -18.79
C ALA D 208 12.40 -13.42 -18.05
N ILE D 209 11.65 -12.68 -17.20
CA ILE D 209 12.24 -11.60 -16.40
C ILE D 209 13.24 -12.21 -15.40
N GLU D 210 12.91 -13.39 -14.83
CA GLU D 210 13.83 -14.05 -13.88
C GLU D 210 15.11 -14.52 -14.57
N MET D 211 15.07 -14.77 -15.89
CA MET D 211 16.27 -15.17 -16.64
C MET D 211 17.16 -13.96 -16.97
N ILE D 212 16.62 -12.71 -16.90
CA ILE D 212 17.39 -11.51 -17.28
C ILE D 212 18.54 -11.22 -16.29
N GLU D 213 19.78 -11.08 -16.80
CA GLU D 213 20.91 -10.74 -15.92
C GLU D 213 20.72 -9.34 -15.28
N GLY D 214 20.82 -9.29 -13.96
CA GLY D 214 20.72 -8.03 -13.22
C GLY D 214 19.33 -7.58 -12.81
N GLU D 215 18.27 -8.30 -13.23
CA GLU D 215 16.91 -7.93 -12.84
C GLU D 215 16.54 -8.49 -11.46
N PRO D 216 16.00 -7.65 -10.57
CA PRO D 216 15.55 -8.18 -9.27
C PRO D 216 14.24 -8.96 -9.45
N PRO D 217 13.73 -9.70 -8.44
CA PRO D 217 12.38 -10.32 -8.60
C PRO D 217 11.41 -9.22 -9.09
N TYR D 218 10.48 -9.57 -10.00
CA TYR D 218 9.61 -8.60 -10.64
C TYR D 218 8.86 -7.71 -9.63
N LEU D 219 9.04 -6.38 -9.79
CA LEU D 219 8.48 -5.32 -8.96
C LEU D 219 8.86 -5.48 -7.49
N ASN D 220 10.04 -6.10 -7.23
CA ASN D 220 10.54 -6.43 -5.88
C ASN D 220 9.51 -7.19 -5.02
N GLU D 221 8.62 -7.99 -5.67
CA GLU D 221 7.59 -8.82 -5.04
C GLU D 221 6.56 -8.01 -4.26
N ASN D 222 6.41 -6.74 -4.62
CA ASN D 222 5.46 -5.85 -3.96
C ASN D 222 4.13 -5.84 -4.71
N PRO D 223 3.08 -6.47 -4.12
CA PRO D 223 1.76 -6.46 -4.79
C PRO D 223 1.15 -5.05 -4.96
N LEU D 224 1.61 -4.05 -4.18
CA LEU D 224 1.12 -2.65 -4.34
C LEU D 224 1.59 -2.09 -5.66
N ARG D 225 2.81 -2.45 -6.07
CA ARG D 225 3.33 -2.00 -7.36
C ARG D 225 2.59 -2.70 -8.49
N ALA D 226 2.25 -3.97 -8.31
CA ALA D 226 1.50 -4.75 -9.30
C ALA D 226 0.11 -4.14 -9.45
N LEU D 227 -0.52 -3.80 -8.31
CA LEU D 227 -1.85 -3.18 -8.25
C LEU D 227 -1.86 -1.85 -9.01
N TYR D 228 -0.81 -1.05 -8.84
CA TYR D 228 -0.71 0.22 -9.58
C TYR D 228 -0.70 -0.02 -11.10
N LEU D 229 0.08 -1.02 -11.58
CA LEU D 229 0.15 -1.38 -13.00
C LEU D 229 -1.16 -1.91 -13.52
N ILE D 230 -1.86 -2.71 -12.70
CA ILE D 230 -3.18 -3.21 -13.10
C ILE D 230 -4.17 -2.02 -13.25
N ALA D 231 -4.19 -1.13 -12.24
CA ALA D 231 -5.12 0.01 -12.29
C ALA D 231 -4.83 0.97 -13.47
N THR D 232 -3.55 1.11 -13.89
CA THR D 232 -3.18 2.03 -14.96
C THR D 232 -3.05 1.32 -16.30
N ASN D 233 -3.38 0.01 -16.40
CA ASN D 233 -3.20 -0.82 -17.60
C ASN D 233 -1.76 -0.74 -18.11
N GLY D 234 -0.82 -0.76 -17.19
CA GLY D 234 0.59 -0.56 -17.47
C GLY D 234 1.33 -1.70 -18.15
N THR D 235 2.39 -1.33 -18.86
CA THR D 235 3.33 -2.27 -19.49
C THR D 235 4.31 -2.67 -18.38
N PRO D 236 4.96 -3.88 -18.43
CA PRO D 236 5.81 -4.28 -17.29
C PRO D 236 6.92 -3.31 -16.96
N GLU D 237 7.26 -3.22 -15.67
CA GLU D 237 8.28 -2.29 -15.20
C GLU D 237 9.50 -3.03 -14.73
N LEU D 238 10.52 -3.08 -15.58
CA LEU D 238 11.82 -3.69 -15.30
C LEU D 238 12.73 -2.66 -14.64
N GLN D 239 13.81 -3.09 -13.99
CA GLN D 239 14.75 -2.16 -13.38
C GLN D 239 15.62 -1.47 -14.45
N ASN D 240 16.13 -2.25 -15.44
CA ASN D 240 16.98 -1.70 -16.51
C ASN D 240 16.47 -2.07 -17.90
N PRO D 241 15.30 -1.55 -18.32
CA PRO D 241 14.76 -1.93 -19.63
C PRO D 241 15.60 -1.49 -20.82
N GLU D 242 16.35 -0.36 -20.68
CA GLU D 242 17.21 0.21 -21.73
C GLU D 242 18.33 -0.73 -22.17
N LYS D 243 18.69 -1.75 -21.35
CA LYS D 243 19.73 -2.74 -21.68
C LYS D 243 19.22 -3.82 -22.65
N LEU D 244 17.89 -3.86 -22.87
CA LEU D 244 17.25 -4.90 -23.70
C LEU D 244 16.90 -4.42 -25.08
N SER D 245 16.84 -5.34 -26.04
CA SER D 245 16.44 -4.98 -27.41
C SER D 245 14.96 -4.59 -27.42
N ALA D 246 14.51 -3.81 -28.44
CA ALA D 246 13.11 -3.45 -28.59
C ALA D 246 12.26 -4.72 -28.83
N ILE D 247 12.82 -5.72 -29.51
CA ILE D 247 12.19 -7.02 -29.84
C ILE D 247 11.89 -7.80 -28.53
N PHE D 248 12.86 -7.87 -27.62
CA PHE D 248 12.67 -8.56 -26.34
C PHE D 248 11.66 -7.80 -25.48
N ARG D 249 11.77 -6.46 -25.44
CA ARG D 249 10.82 -5.64 -24.67
C ARG D 249 9.41 -5.81 -25.20
N ASP D 250 9.24 -5.89 -26.53
CA ASP D 250 7.93 -6.11 -27.14
C ASP D 250 7.38 -7.47 -26.72
N PHE D 251 8.23 -8.52 -26.74
CA PHE D 251 7.83 -9.89 -26.34
C PHE D 251 7.33 -9.87 -24.91
N LEU D 252 8.08 -9.21 -24.00
CA LEU D 252 7.67 -9.13 -22.59
C LEU D 252 6.35 -8.37 -22.43
N ASN D 253 6.14 -7.27 -23.20
CA ASN D 253 4.89 -6.51 -23.15
C ASN D 253 3.70 -7.39 -23.57
N ARG D 254 3.93 -8.25 -24.54
CA ARG D 254 2.89 -9.14 -25.05
C ARG D 254 2.55 -10.26 -24.03
N CYS D 255 3.54 -10.79 -23.32
CA CYS D 255 3.35 -11.83 -22.28
C CYS D 255 2.65 -11.22 -21.08
N LEU D 256 2.96 -9.96 -20.76
CA LEU D 256 2.46 -9.31 -19.55
C LEU D 256 1.40 -8.22 -19.86
N GLU D 257 0.64 -8.45 -20.94
CA GLU D 257 -0.46 -7.60 -21.35
C GLU D 257 -1.55 -7.66 -20.29
N MET D 258 -2.00 -6.47 -19.86
CA MET D 258 -3.02 -6.31 -18.80
C MET D 258 -4.37 -6.76 -19.30
N ASP D 259 -4.64 -6.56 -20.58
CA ASP D 259 -5.93 -6.99 -21.15
C ASP D 259 -5.79 -8.47 -21.45
N VAL D 260 -6.48 -9.31 -20.68
CA VAL D 260 -6.41 -10.77 -20.78
C VAL D 260 -6.67 -11.26 -22.22
N GLU D 261 -7.70 -10.69 -22.87
CA GLU D 261 -8.11 -10.99 -24.25
C GLU D 261 -7.02 -10.64 -25.27
N LYS D 262 -6.33 -9.53 -25.10
CA LYS D 262 -5.26 -9.10 -26.00
C LYS D 262 -3.93 -9.82 -25.74
N ARG D 263 -3.77 -10.43 -24.53
CA ARG D 263 -2.53 -11.14 -24.16
C ARG D 263 -2.31 -12.25 -25.18
N GLY D 264 -1.09 -12.39 -25.67
CA GLY D 264 -0.80 -13.39 -26.70
C GLY D 264 -1.05 -14.81 -26.23
N SER D 265 -1.53 -15.65 -27.14
CA SER D 265 -1.70 -17.06 -26.83
C SER D 265 -0.31 -17.69 -27.10
N ALA D 266 -0.09 -18.94 -26.69
CA ALA D 266 1.19 -19.60 -26.92
C ALA D 266 1.49 -19.71 -28.42
N LYS D 267 0.47 -20.07 -29.23
CA LYS D 267 0.58 -20.18 -30.69
C LYS D 267 0.99 -18.84 -31.31
N GLU D 268 0.34 -17.73 -30.90
CA GLU D 268 0.68 -16.40 -31.42
C GLU D 268 2.11 -15.96 -31.03
N LEU D 269 2.51 -16.20 -29.77
CA LEU D 269 3.85 -15.81 -29.29
C LEU D 269 4.97 -16.61 -29.92
N LEU D 270 4.69 -17.83 -30.37
CA LEU D 270 5.68 -18.65 -31.07
C LEU D 270 6.07 -18.04 -32.42
N GLN D 271 5.28 -17.08 -32.90
CA GLN D 271 5.56 -16.33 -34.14
C GLN D 271 6.28 -15.00 -33.87
N HIS D 272 6.52 -14.65 -32.60
CA HIS D 272 7.19 -13.38 -32.28
C HIS D 272 8.63 -13.36 -32.81
N GLN D 273 9.09 -12.21 -33.32
CA GLN D 273 10.46 -12.05 -33.84
C GLN D 273 11.53 -12.40 -32.79
N PHE D 274 11.24 -12.15 -31.48
CA PHE D 274 12.19 -12.48 -30.41
C PHE D 274 12.61 -13.96 -30.49
N LEU D 275 11.62 -14.84 -30.69
CA LEU D 275 11.85 -16.27 -30.75
C LEU D 275 12.42 -16.71 -32.08
N LYS D 276 12.12 -16.01 -33.20
CA LYS D 276 12.63 -16.40 -34.51
C LYS D 276 14.15 -16.40 -34.58
N ILE D 277 14.77 -15.48 -33.84
CA ILE D 277 16.21 -15.32 -33.83
C ILE D 277 16.88 -16.01 -32.61
N ALA D 278 16.12 -16.83 -31.84
CA ALA D 278 16.61 -17.61 -30.68
C ALA D 278 17.86 -18.36 -31.09
N LYS D 279 18.80 -18.51 -30.17
CA LYS D 279 20.04 -19.23 -30.46
C LYS D 279 19.75 -20.75 -30.44
N PRO D 280 20.57 -21.61 -31.07
CA PRO D 280 20.28 -23.07 -30.97
C PRO D 280 20.37 -23.53 -29.52
N LEU D 281 19.72 -24.67 -29.21
CA LEU D 281 19.72 -25.25 -27.85
C LEU D 281 21.11 -25.62 -27.36
N SER D 282 22.04 -25.91 -28.29
CA SER D 282 23.44 -26.21 -27.98
C SER D 282 24.11 -25.01 -27.23
N SER D 283 23.63 -23.77 -27.44
CA SER D 283 24.15 -22.57 -26.74
C SER D 283 23.89 -22.62 -25.23
N LEU D 284 22.98 -23.49 -24.78
CA LEU D 284 22.66 -23.67 -23.37
C LEU D 284 23.58 -24.67 -22.65
N THR D 285 24.18 -25.62 -23.39
CA THR D 285 25.02 -26.68 -22.83
C THR D 285 26.10 -26.13 -21.88
N PRO D 286 26.88 -25.03 -22.19
CA PRO D 286 27.88 -24.55 -21.22
C PRO D 286 27.24 -24.03 -19.94
N LEU D 287 26.04 -23.42 -20.02
CA LEU D 287 25.34 -22.93 -18.83
C LEU D 287 24.88 -24.11 -17.95
N ILE D 288 24.32 -25.14 -18.59
CA ILE D 288 23.84 -26.36 -17.91
C ILE D 288 25.01 -27.06 -17.20
N ALA D 289 26.16 -27.21 -17.91
CA ALA D 289 27.38 -27.83 -17.37
C ALA D 289 27.94 -27.04 -16.18
N ALA D 290 28.02 -25.70 -16.29
CA ALA D 290 28.50 -24.85 -15.20
C ALA D 290 27.56 -24.86 -13.98
N ALA D 291 26.23 -24.85 -14.20
CA ALA D 291 25.25 -24.87 -13.10
C ALA D 291 25.26 -26.21 -12.35
N LYS D 292 25.48 -27.33 -13.09
CA LYS D 292 25.55 -28.68 -12.51
C LYS D 292 26.74 -28.82 -11.58
N GLU D 293 27.93 -28.36 -12.03
CA GLU D 293 29.16 -28.40 -11.26
C GLU D 293 29.03 -27.56 -9.98
N ALA D 294 28.43 -26.35 -10.10
CA ALA D 294 28.23 -25.43 -8.98
C ALA D 294 27.22 -25.90 -7.93
N THR D 295 26.15 -26.60 -8.34
CA THR D 295 25.10 -27.04 -7.40
C THR D 295 25.42 -28.38 -6.73
#